data_8G94
#
_entry.id   8G94
#
_cell.length_a   1.00
_cell.length_b   1.00
_cell.length_c   1.00
_cell.angle_alpha   90.00
_cell.angle_beta   90.00
_cell.angle_gamma   90.00
#
_symmetry.space_group_name_H-M   'P 1'
#
loop_
_entity.id
_entity.type
_entity.pdbx_description
1 polymer 'Sphingosine 1-phosphate receptor 1'
2 polymer 'Guanine nucleotide-binding protein G(i) subunit alpha-1'
3 polymer 'Guanine nucleotide-binding protein G(I)/G(S)/G(T) subunit beta-1'
4 polymer 'Guanine nucleotide-binding protein G(I)/G(S)/G(O) subunit gamma-2'
5 polymer scFv16
6 polymer 'Early activation antigen CD69'
#
loop_
_entity_poly.entity_id
_entity_poly.type
_entity_poly.pdbx_seq_one_letter_code
_entity_poly.pdbx_strand_id
1 'polypeptide(L)'
;MGPTSVPLVKAHRSSVSDYVNYDIIVRHYNYTGKLNISADKENSIKLTSVVFILICCFIILENIFVLLTIWKTKKFHRPM
YYFIGNLALSDLLAGVAYTANLLLSGATTYKLTPAQWFLREGSMFVALSASVFSLLAIAIERYITMLKMKLHNGSNNFRL
FLLISACWVISLILGGLPIMGWNCISALSSCSTVLPLYHKHYILFCTTVFTLLLLSIVILYCRIYSLVRTRSRRLTFRKN
ISKASRSSEKSLALLKTVIIVLSVFIACWAPLFILLLLDVGCKVKTCDILFRAEYFLVLAVLNSGTNPIIYTLTNKEMRR
AFIRIMSCCKCPSGDSAGKFKRPIIAGDYKDDDDK
;
A
2 'polypeptide(L)'
;MGCTLSAEDKAAVERSKMIDRNLREDGEKAAREVKLLLLGAGESGKSTIVKQMKIIHEAGYSEEECKQYKAVVYSNTIQS
IIAIIRAMGRLKIDFGDSARADDARQLFVLAGAAEEGFMTAELAGVIKRLWKDSGVQACFNRSREYQLNDSAAYYLNDLD
RIAQPNYIPTQQDVLRTRVKTTGIVETHFTFKDLHFKMFDVGAQRSERKKWIHCFEGVTAIIFCVALSDYDLVLAEDEEM
NRMHESMKLFDSICNNKWFTDTSIILFLNKKDLFEEKIKKSPLTICYPEYAGSNTYEEAAAYIQCQFEDLNKRKDTKEIY
THFTCSTDTKNVQFVFDAVTDVIIKNNLKDCGLF
;
B
3 'polypeptide(L)'
;GPGSSGSELDQLRQEAEQLKNQIRDARKACADATLSQITNNIDPVGRIQMRTRRTLRGHLAKIYAMHWGTDSRLLVSASQ
DGKLIIWDSYTTNKVHAIPLRSSWVMTCAYAPSGNYVACGGLDNICSIYNLKTREGNVRVSRELAGHTGYLSCCRFLDDN
QIVTSSGDTTCALWDIETGQQTTTFTGHTGDVMSLSLAPDTRLFVSGACDASAKLWDVREGMCRQTFTGHESDINAICFF
PNGNAFATGSDDATCRLFDLRADQELMTYSHDNIICGITSVSFSKSGRLLLAGYDDFNCNVWDALKADRAGVLAGHDNRV
SCLGVTDDGMAVATGSWDSFLKIWN
;
C
4 'polypeptide(L)' MASNNTASIAQARKLVEQLKMEANIDRIKVSKAAADLMAYCEAHAKEDPLLTPVPASENPFREKKFFCAIL D
5 'polypeptide(L)'
;DVQLVESGGGLVQPGGSRKLSCSASGFAFSSFGMHWVRQAPEKGLEWVAYISSGSGTIYYADTVKGRFTISRDDPKNTLF
LQMTSLRSEDTAMYYCVRSIYYYGSSPFDFWGQGTTLTVSSGGGGSGGGGSGGGGSDIVMTQATSSVPVTPGESVSISCR
SSKSLLHSNGNTYLYWFLQRPGQSPQLLIYRMSNLASGVPDRFSGSGSGTAFTLTISRLEAEDVGVYYCMQHLEYPLTFG
AGTKLELKAAAHHHHHHHH
;
E
6 'polypeptide(L)'
;MASENCFVAENSSLHPESGQENDATSPHFSTRHEGSFQVPVLCAVMNVVFITILIIALIALSVGQYNCPGQYTFSMPSDS
HVSSCSEDWVGYQRKCYFISTVKRSWTSAQNACSEHGATLAVIDSEKDMNFLKRYAGREEHWVGLKKEPGHPWKWSNGKE
FNNWFNVTGSDKCVFLKNTEVSSMECEKNLYWICNKPYKGSASWSHPQFEK
;
F,G
#
# COMPACT_ATOMS: atom_id res chain seq x y z
N VAL A 20 8.23 15.43 58.73
CA VAL A 20 8.62 14.93 57.41
C VAL A 20 10.06 15.35 57.11
N ASN A 21 10.82 15.64 58.17
CA ASN A 21 12.21 16.04 58.04
C ASN A 21 13.09 14.80 57.94
N TYR A 22 14.40 14.97 58.14
CA TYR A 22 15.31 13.84 58.12
C TYR A 22 15.15 12.96 59.35
N ASP A 23 14.54 13.48 60.42
CA ASP A 23 14.35 12.70 61.63
C ASP A 23 13.52 11.44 61.38
N ILE A 24 12.61 11.49 60.41
CA ILE A 24 11.77 10.32 60.16
C ILE A 24 12.56 9.22 59.47
N ILE A 25 13.45 9.57 58.53
CA ILE A 25 14.25 8.53 57.88
C ILE A 25 15.30 7.99 58.86
N VAL A 26 15.80 8.84 59.75
CA VAL A 26 16.74 8.35 60.76
C VAL A 26 16.03 7.41 61.75
N ARG A 27 14.83 7.77 62.19
CA ARG A 27 14.13 6.91 63.13
C ARG A 27 13.63 5.63 62.45
N HIS A 28 13.40 5.68 61.14
CA HIS A 28 13.03 4.47 60.42
C HIS A 28 14.22 3.53 60.29
N TYR A 29 15.39 4.07 59.95
CA TYR A 29 16.60 3.26 59.95
C TYR A 29 16.93 2.73 61.34
N ASN A 30 16.59 3.50 62.38
CA ASN A 30 16.70 3.00 63.74
C ASN A 30 15.73 1.87 64.01
N TYR A 31 14.55 1.92 63.38
CA TYR A 31 13.58 0.85 63.51
C TYR A 31 14.04 -0.42 62.79
N THR A 32 14.92 -0.30 61.79
CA THR A 32 15.43 -1.45 61.07
C THR A 32 16.79 -1.92 61.55
N GLY A 33 17.56 -1.05 62.21
CA GLY A 33 18.88 -1.45 62.66
C GLY A 33 19.93 -1.43 61.58
N LYS A 34 19.65 -0.79 60.45
CA LYS A 34 20.59 -0.67 59.35
C LYS A 34 21.50 0.55 59.52
N LEU A 35 21.60 1.09 60.72
CA LEU A 35 22.37 2.30 60.96
C LEU A 35 23.87 1.98 60.96
N ASN A 36 24.65 2.92 60.44
CA ASN A 36 26.10 2.86 60.51
C ASN A 36 26.61 3.99 61.40
N ILE A 37 27.95 4.08 61.49
CA ILE A 37 28.64 5.07 62.32
C ILE A 37 28.19 5.02 63.78
N LYS A 46 32.63 0.05 49.05
CA LYS A 46 32.99 -1.36 48.98
C LYS A 46 33.18 -1.78 47.53
N LEU A 47 33.98 -2.81 47.30
CA LEU A 47 34.23 -3.32 45.95
C LEU A 47 32.98 -3.94 45.34
N THR A 48 31.99 -4.30 46.16
CA THR A 48 30.70 -4.75 45.63
C THR A 48 30.07 -3.67 44.76
N SER A 49 30.28 -2.39 45.12
CA SER A 49 29.73 -1.30 44.32
C SER A 49 30.39 -1.21 42.95
N VAL A 50 31.71 -1.40 42.88
CA VAL A 50 32.37 -1.25 41.59
C VAL A 50 32.10 -2.46 40.71
N VAL A 51 32.00 -3.66 41.29
CA VAL A 51 31.67 -4.79 40.41
C VAL A 51 30.20 -4.71 39.97
N PHE A 52 29.33 -4.16 40.82
CA PHE A 52 27.93 -4.02 40.42
C PHE A 52 27.77 -2.96 39.35
N ILE A 53 28.54 -1.87 39.42
CA ILE A 53 28.42 -0.87 38.36
C ILE A 53 29.08 -1.36 37.08
N LEU A 54 30.08 -2.26 37.17
CA LEU A 54 30.60 -2.90 35.97
C LEU A 54 29.53 -3.73 35.28
N ILE A 55 28.88 -4.62 36.04
CA ILE A 55 27.77 -5.41 35.50
C ILE A 55 26.70 -4.50 34.93
N CYS A 56 26.43 -3.38 35.62
CA CYS A 56 25.34 -2.51 35.22
C CYS A 56 25.66 -1.76 33.94
N CYS A 57 26.89 -1.26 33.79
CA CYS A 57 27.23 -0.57 32.55
C CYS A 57 27.32 -1.55 31.38
N PHE A 58 27.67 -2.81 31.66
CA PHE A 58 27.53 -3.85 30.63
C PHE A 58 26.08 -3.96 30.18
N ILE A 59 25.15 -3.98 31.14
CA ILE A 59 23.73 -4.03 30.83
C ILE A 59 23.32 -2.82 29.98
N ILE A 60 23.77 -1.63 30.39
CA ILE A 60 23.42 -0.41 29.66
C ILE A 60 23.93 -0.46 28.22
N LEU A 61 25.18 -0.88 28.03
CA LEU A 61 25.75 -0.86 26.68
C LEU A 61 25.07 -1.88 25.79
N GLU A 62 24.77 -3.08 26.30
CA GLU A 62 24.07 -4.04 25.46
C GLU A 62 22.64 -3.59 25.18
N ASN A 63 22.03 -2.84 26.10
CA ASN A 63 20.70 -2.30 25.82
C ASN A 63 20.74 -1.27 24.71
N ILE A 64 21.74 -0.37 24.75
CA ILE A 64 21.88 0.59 23.66
C ILE A 64 22.11 -0.13 22.34
N PHE A 65 22.93 -1.18 22.36
CA PHE A 65 23.19 -1.97 21.15
C PHE A 65 21.91 -2.55 20.58
N VAL A 66 21.12 -3.23 21.41
CA VAL A 66 19.92 -3.91 20.91
C VAL A 66 18.84 -2.89 20.55
N LEU A 67 18.87 -1.70 21.15
CA LEU A 67 17.84 -0.71 20.85
C LEU A 67 18.14 0.02 19.55
N LEU A 68 19.41 0.37 19.32
CA LEU A 68 19.76 1.04 18.06
C LEU A 68 19.60 0.09 16.88
N THR A 69 19.76 -1.22 17.11
CA THR A 69 19.66 -2.19 16.02
C THR A 69 18.26 -2.21 15.41
N ILE A 70 17.24 -1.96 16.23
CA ILE A 70 15.88 -1.81 15.70
C ILE A 70 15.81 -0.58 14.83
N TRP A 71 16.44 0.52 15.26
CA TRP A 71 16.42 1.75 14.48
C TRP A 71 17.36 1.65 13.28
N LYS A 72 18.47 0.93 13.43
CA LYS A 72 19.45 0.79 12.36
C LYS A 72 18.91 0.00 11.17
N THR A 73 18.06 -0.99 11.42
CA THR A 73 17.54 -1.85 10.38
C THR A 73 16.22 -1.27 9.86
N LYS A 74 15.65 -1.93 8.85
CA LYS A 74 14.39 -1.51 8.25
C LYS A 74 13.17 -1.95 9.05
N LYS A 75 13.33 -2.22 10.35
CA LYS A 75 12.26 -2.66 11.22
C LYS A 75 11.42 -1.53 11.78
N PHE A 76 11.41 -0.42 11.02
CA PHE A 76 10.72 0.85 11.32
C PHE A 76 9.24 0.77 11.65
N HIS A 77 8.53 -0.17 11.05
CA HIS A 77 7.12 -0.42 11.34
C HIS A 77 6.94 -1.60 12.28
N ARG A 78 7.25 -2.82 11.81
CA ARG A 78 7.43 -4.07 12.53
C ARG A 78 6.56 -4.24 13.79
N PRO A 79 5.24 -4.41 13.64
CA PRO A 79 4.37 -4.42 14.83
C PRO A 79 4.65 -5.54 15.81
N MET A 80 5.21 -6.68 15.37
CA MET A 80 5.65 -7.69 16.33
C MET A 80 6.85 -7.20 17.10
N TYR A 81 7.74 -6.47 16.44
CA TYR A 81 8.75 -5.70 17.15
C TYR A 81 8.06 -4.50 17.81
N TYR A 82 8.87 -3.60 18.36
CA TYR A 82 8.55 -2.59 19.37
C TYR A 82 8.37 -3.25 20.73
N PHE A 83 8.24 -4.57 20.77
CA PHE A 83 8.15 -5.25 22.04
C PHE A 83 9.52 -5.63 22.55
N ILE A 84 10.40 -6.10 21.66
CA ILE A 84 11.81 -6.17 21.98
C ILE A 84 12.35 -4.78 22.25
N GLY A 85 11.84 -3.77 21.55
CA GLY A 85 12.25 -2.41 21.82
C GLY A 85 11.82 -1.92 23.19
N ASN A 86 10.59 -2.24 23.59
CA ASN A 86 10.11 -1.88 24.91
C ASN A 86 10.89 -2.61 26.00
N LEU A 87 11.23 -3.88 25.76
CA LEU A 87 12.04 -4.61 26.73
C LEU A 87 13.43 -4.01 26.83
N ALA A 88 14.03 -3.63 25.70
CA ALA A 88 15.34 -3.00 25.73
C ALA A 88 15.29 -1.64 26.41
N LEU A 89 14.24 -0.87 26.18
CA LEU A 89 14.11 0.45 26.80
C LEU A 89 13.94 0.31 28.31
N SER A 90 13.08 -0.60 28.75
CA SER A 90 12.88 -0.76 30.18
C SER A 90 14.10 -1.37 30.85
N ASP A 91 14.87 -2.20 30.14
CA ASP A 91 16.13 -2.69 30.67
C ASP A 91 17.16 -1.57 30.79
N LEU A 92 17.18 -0.66 29.81
CA LEU A 92 18.04 0.52 29.89
C LEU A 92 17.67 1.37 31.11
N LEU A 93 16.37 1.55 31.34
CA LEU A 93 15.94 2.32 32.50
C LEU A 93 16.28 1.59 33.79
N ALA A 94 16.21 0.26 33.79
CA ALA A 94 16.66 -0.52 34.93
C ALA A 94 18.14 -0.31 35.19
N GLY A 95 18.93 -0.24 34.13
CA GLY A 95 20.35 0.03 34.29
C GLY A 95 20.60 1.40 34.91
N VAL A 96 20.00 2.44 34.34
CA VAL A 96 20.27 3.78 34.86
C VAL A 96 19.70 3.94 36.27
N ALA A 97 18.60 3.27 36.59
CA ALA A 97 18.07 3.32 37.95
C ALA A 97 18.98 2.58 38.91
N TYR A 98 19.63 1.51 38.46
CA TYR A 98 20.54 0.80 39.34
C TYR A 98 21.81 1.61 39.58
N THR A 99 22.27 2.36 38.58
CA THR A 99 23.37 3.29 38.81
C THR A 99 22.98 4.36 39.82
N ALA A 100 21.79 4.95 39.65
CA ALA A 100 21.32 5.97 40.58
C ALA A 100 21.18 5.42 41.99
N ASN A 101 20.76 4.17 42.12
CA ASN A 101 20.63 3.57 43.45
C ASN A 101 21.99 3.28 44.07
N LEU A 102 22.89 2.64 43.32
CA LEU A 102 24.18 2.24 43.87
C LEU A 102 25.05 3.45 44.23
N LEU A 103 25.01 4.50 43.39
CA LEU A 103 25.80 5.69 43.69
C LEU A 103 25.28 6.40 44.93
N LEU A 104 24.01 6.21 45.27
CA LEU A 104 23.37 6.94 46.36
C LEU A 104 22.88 6.02 47.48
N SER A 105 23.51 4.86 47.65
CA SER A 105 23.13 3.94 48.72
C SER A 105 24.28 3.79 49.71
N GLY A 106 23.94 3.39 50.93
CA GLY A 106 24.90 3.10 51.97
C GLY A 106 24.63 3.97 53.19
N ALA A 107 25.71 4.26 53.92
CA ALA A 107 25.63 5.14 55.08
C ALA A 107 25.51 6.61 54.68
N THR A 108 25.84 6.95 53.43
CA THR A 108 25.70 8.32 52.95
C THR A 108 24.28 8.66 52.52
N THR A 109 23.36 7.69 52.59
CA THR A 109 21.97 7.93 52.21
C THR A 109 21.27 8.90 53.16
N TYR A 110 21.79 9.06 54.38
CA TYR A 110 21.11 9.86 55.40
C TYR A 110 21.02 11.33 55.03
N LYS A 111 21.77 11.79 54.05
CA LYS A 111 21.68 13.17 53.57
C LYS A 111 20.50 13.39 52.63
N LEU A 112 19.69 12.36 52.37
CA LEU A 112 18.56 12.47 51.46
C LEU A 112 17.27 12.70 52.23
N THR A 113 16.36 13.45 51.61
CA THR A 113 15.04 13.71 52.16
C THR A 113 14.12 12.55 51.83
N PRO A 114 13.02 12.38 52.59
CA PRO A 114 12.02 11.37 52.21
C PRO A 114 11.52 11.46 50.78
N ALA A 115 11.43 12.66 50.21
CA ALA A 115 11.01 12.80 48.82
C ALA A 115 12.03 12.17 47.88
N GLN A 116 13.31 12.49 48.05
CA GLN A 116 14.35 11.91 47.20
C GLN A 116 14.47 10.41 47.39
N TRP A 117 14.30 9.94 48.63
CA TRP A 117 14.36 8.51 48.91
C TRP A 117 13.22 7.77 48.22
N PHE A 118 12.00 8.29 48.35
CA PHE A 118 10.86 7.70 47.66
C PHE A 118 11.05 7.74 46.15
N LEU A 119 11.64 8.82 45.65
CA LEU A 119 11.86 8.94 44.22
C LEU A 119 12.83 7.87 43.72
N ARG A 120 13.92 7.66 44.46
CA ARG A 120 14.90 6.65 44.06
C ARG A 120 14.30 5.24 44.09
N GLU A 121 13.63 4.90 45.19
CA GLU A 121 13.08 3.55 45.31
C GLU A 121 11.95 3.32 44.31
N GLY A 122 11.10 4.33 44.10
CA GLY A 122 10.06 4.20 43.10
C GLY A 122 10.60 4.10 41.69
N SER A 123 11.73 4.77 41.42
CA SER A 123 12.37 4.63 40.12
C SER A 123 12.87 3.22 39.90
N MET A 124 13.54 2.64 40.90
CA MET A 124 14.00 1.26 40.77
C MET A 124 12.82 0.29 40.58
N PHE A 125 11.75 0.51 41.34
CA PHE A 125 10.60 -0.40 41.25
C PHE A 125 9.86 -0.25 39.92
N VAL A 126 9.72 0.98 39.43
CA VAL A 126 9.05 1.14 38.13
C VAL A 126 9.92 0.57 37.02
N ALA A 127 11.24 0.61 37.16
CA ALA A 127 12.10 0.01 36.15
C ALA A 127 11.92 -1.51 36.11
N LEU A 128 12.01 -2.16 37.27
CA LEU A 128 11.87 -3.61 37.29
C LEU A 128 10.45 -4.05 36.89
N SER A 129 9.43 -3.31 37.31
CA SER A 129 8.07 -3.67 36.95
C SER A 129 7.81 -3.47 35.47
N ALA A 130 8.40 -2.42 34.88
CA ALA A 130 8.28 -2.24 33.44
C ALA A 130 8.97 -3.36 32.69
N SER A 131 10.11 -3.85 33.20
CA SER A 131 10.77 -4.98 32.58
C SER A 131 9.88 -6.22 32.59
N VAL A 132 9.32 -6.56 33.75
CA VAL A 132 8.51 -7.76 33.84
C VAL A 132 7.23 -7.63 33.03
N PHE A 133 6.62 -6.45 33.03
CA PHE A 133 5.39 -6.26 32.27
C PHE A 133 5.65 -6.23 30.77
N SER A 134 6.79 -5.73 30.34
CA SER A 134 7.13 -5.79 28.93
C SER A 134 7.39 -7.23 28.50
N LEU A 135 8.01 -8.02 29.37
CA LEU A 135 8.17 -9.44 29.11
C LEU A 135 6.82 -10.13 28.96
N LEU A 136 5.86 -9.78 29.83
CA LEU A 136 4.52 -10.30 29.69
C LEU A 136 3.86 -9.87 28.38
N ALA A 137 4.10 -8.62 27.96
CA ALA A 137 3.54 -8.16 26.70
C ALA A 137 4.09 -8.94 25.52
N ILE A 138 5.39 -9.22 25.53
CA ILE A 138 5.99 -10.06 24.51
C ILE A 138 5.33 -11.42 24.48
N ALA A 139 5.14 -12.03 25.66
CA ALA A 139 4.53 -13.35 25.72
C ALA A 139 3.08 -13.33 25.23
N ILE A 140 2.36 -12.25 25.53
CA ILE A 140 0.96 -12.14 25.11
C ILE A 140 0.86 -12.01 23.60
N GLU A 141 1.71 -11.16 23.01
CA GLU A 141 1.70 -11.02 21.56
C GLU A 141 2.08 -12.33 20.87
N ARG A 142 3.04 -13.05 21.44
CA ARG A 142 3.43 -14.33 20.85
C ARG A 142 2.30 -15.35 20.94
N TYR A 143 1.60 -15.39 22.07
CA TYR A 143 0.50 -16.34 22.22
C TYR A 143 -0.65 -16.02 21.29
N ILE A 144 -0.95 -14.73 21.10
CA ILE A 144 -2.03 -14.36 20.21
C ILE A 144 -1.66 -14.67 18.76
N THR A 145 -0.40 -14.41 18.38
CA THR A 145 0.04 -14.74 17.04
C THR A 145 0.02 -16.25 16.80
N MET A 146 0.35 -17.03 17.83
CA MET A 146 0.33 -18.48 17.67
C MET A 146 -1.08 -19.03 17.64
N LEU A 147 -2.01 -18.42 18.37
CA LEU A 147 -3.38 -18.93 18.40
C LEU A 147 -4.08 -18.73 17.06
N LYS A 148 -4.25 -17.48 16.66
CA LYS A 148 -4.81 -17.18 15.34
C LYS A 148 -3.73 -17.41 14.31
N MET A 149 -3.96 -18.35 13.39
CA MET A 149 -2.90 -18.76 12.46
C MET A 149 -2.44 -17.60 11.60
N LYS A 150 -3.37 -16.81 11.06
CA LYS A 150 -3.08 -15.49 10.51
C LYS A 150 -2.03 -15.58 9.39
N LEU A 151 -2.45 -16.23 8.30
CA LEU A 151 -1.61 -16.61 7.18
C LEU A 151 -0.64 -15.52 6.75
N HIS A 152 -1.16 -14.32 6.48
CA HIS A 152 -0.32 -13.17 6.22
C HIS A 152 -0.10 -12.38 7.50
N ASN A 153 0.97 -11.60 7.52
CA ASN A 153 1.34 -10.84 8.71
C ASN A 153 0.25 -9.84 9.08
N GLY A 154 -0.01 -9.73 10.37
CA GLY A 154 -1.03 -8.82 10.87
C GLY A 154 -0.46 -7.70 11.72
N SER A 155 -0.89 -6.47 11.45
CA SER A 155 -0.38 -5.33 12.19
C SER A 155 -1.07 -5.18 13.54
N ASN A 156 -2.37 -4.85 13.52
CA ASN A 156 -3.20 -4.65 14.71
C ASN A 156 -2.55 -3.67 15.68
N ASN A 157 -2.42 -2.42 15.22
CA ASN A 157 -1.78 -1.39 16.04
C ASN A 157 -2.65 -1.02 17.24
N PHE A 158 -3.95 -1.30 17.17
CA PHE A 158 -4.84 -1.04 18.30
C PHE A 158 -4.46 -1.87 19.53
N ARG A 159 -3.81 -3.01 19.35
CA ARG A 159 -3.40 -3.85 20.46
C ARG A 159 -2.00 -3.53 20.95
N LEU A 160 -1.11 -3.07 20.07
CA LEU A 160 0.21 -2.60 20.50
C LEU A 160 0.08 -1.43 21.47
N PHE A 161 -0.82 -0.50 21.17
CA PHE A 161 -1.08 0.62 22.08
C PHE A 161 -1.52 0.14 23.44
N LEU A 162 -2.53 -0.74 23.47
CA LEU A 162 -3.07 -1.21 24.74
C LEU A 162 -2.00 -1.94 25.55
N LEU A 163 -1.22 -2.81 24.89
CA LEU A 163 -0.22 -3.58 25.62
C LEU A 163 0.90 -2.69 26.17
N ILE A 164 1.47 -1.83 25.34
CA ILE A 164 2.62 -1.05 25.81
C ILE A 164 2.17 0.03 26.80
N SER A 165 1.01 0.65 26.55
CA SER A 165 0.49 1.63 27.50
C SER A 165 0.15 0.97 28.83
N ALA A 166 -0.42 -0.24 28.80
CA ALA A 166 -0.72 -0.94 30.05
C ALA A 166 0.56 -1.26 30.79
N CYS A 167 1.59 -1.72 30.07
CA CYS A 167 2.90 -1.98 30.66
C CYS A 167 3.41 -0.76 31.42
N TRP A 168 3.52 0.37 30.72
CA TRP A 168 4.13 1.55 31.35
C TRP A 168 3.23 2.15 32.42
N VAL A 169 1.92 2.15 32.22
CA VAL A 169 1.01 2.74 33.19
C VAL A 169 0.98 1.92 34.48
N ILE A 170 0.83 0.59 34.37
CA ILE A 170 0.78 -0.20 35.59
C ILE A 170 2.12 -0.21 36.30
N SER A 171 3.23 -0.16 35.55
CA SER A 171 4.52 -0.07 36.21
C SER A 171 4.67 1.25 36.95
N LEU A 172 4.20 2.35 36.36
CA LEU A 172 4.27 3.65 37.03
C LEU A 172 3.37 3.68 38.26
N ILE A 173 2.21 3.03 38.18
CA ILE A 173 1.31 2.96 39.33
C ILE A 173 1.97 2.21 40.47
N LEU A 174 2.59 1.06 40.16
CA LEU A 174 3.27 0.30 41.20
C LEU A 174 4.47 1.04 41.76
N GLY A 175 5.15 1.83 40.94
CA GLY A 175 6.27 2.61 41.43
C GLY A 175 5.89 3.86 42.20
N GLY A 176 4.69 4.39 41.96
CA GLY A 176 4.27 5.61 42.59
C GLY A 176 3.31 5.42 43.74
N LEU A 177 2.82 4.19 43.94
CA LEU A 177 2.02 3.89 45.12
C LEU A 177 2.68 4.25 46.45
N PRO A 178 4.00 4.10 46.65
CA PRO A 178 4.58 4.66 47.88
C PRO A 178 4.52 6.18 47.93
N ILE A 179 4.94 6.86 46.87
CA ILE A 179 5.01 8.32 46.89
C ILE A 179 3.63 8.96 46.91
N MET A 180 2.58 8.21 46.61
CA MET A 180 1.21 8.72 46.69
C MET A 180 0.59 8.47 48.05
N GLY A 181 1.38 8.32 49.10
CA GLY A 181 0.84 8.28 50.44
C GLY A 181 0.84 6.90 51.08
N TRP A 182 0.66 5.86 50.27
CA TRP A 182 0.61 4.49 50.79
C TRP A 182 2.03 4.08 51.19
N ASN A 183 2.37 4.33 52.45
CA ASN A 183 3.73 4.07 52.93
C ASN A 183 3.68 3.89 54.45
N CYS A 184 4.84 3.98 55.09
CA CYS A 184 5.00 3.58 56.48
C CYS A 184 5.30 4.78 57.39
N ILE A 185 5.03 6.00 56.94
CA ILE A 185 5.31 7.16 57.78
C ILE A 185 4.28 7.30 58.90
N SER A 186 3.11 6.68 58.77
CA SER A 186 2.08 6.81 59.79
C SER A 186 2.33 5.86 60.96
N ALA A 187 2.34 4.56 60.69
CA ALA A 187 2.52 3.54 61.71
C ALA A 187 3.87 2.87 61.51
N LEU A 188 4.62 2.71 62.60
CA LEU A 188 5.96 2.14 62.51
C LEU A 188 5.94 0.61 62.48
N SER A 189 4.89 -0.02 62.99
CA SER A 189 4.85 -1.47 63.11
C SER A 189 4.86 -2.18 61.75
N SER A 190 4.42 -1.50 60.69
CA SER A 190 4.38 -2.07 59.35
C SER A 190 5.67 -1.85 58.58
N CYS A 191 6.80 -1.64 59.26
CA CYS A 191 8.03 -1.32 58.56
C CYS A 191 8.70 -2.57 58.01
N SER A 192 9.12 -2.50 56.76
CA SER A 192 9.93 -3.54 56.14
C SER A 192 11.40 -3.24 56.41
N THR A 193 12.12 -4.23 56.92
CA THR A 193 13.53 -4.02 57.19
C THR A 193 14.38 -3.98 55.92
N VAL A 194 13.82 -4.40 54.78
CA VAL A 194 14.57 -4.30 53.53
C VAL A 194 14.41 -2.90 52.92
N LEU A 195 13.26 -2.28 53.11
CA LEU A 195 13.02 -0.91 52.65
C LEU A 195 12.33 -0.16 53.79
N PRO A 196 13.04 0.73 54.50
CA PRO A 196 12.51 1.24 55.78
C PRO A 196 11.23 2.06 55.64
N LEU A 197 11.20 3.02 54.74
CA LEU A 197 10.03 3.88 54.61
C LEU A 197 8.85 3.18 53.95
N TYR A 198 9.07 2.00 53.37
CA TYR A 198 8.03 1.32 52.59
C TYR A 198 7.04 0.60 53.49
N HIS A 199 5.78 0.62 53.08
CA HIS A 199 4.74 -0.13 53.76
C HIS A 199 4.89 -1.62 53.47
N LYS A 200 4.56 -2.45 54.46
CA LYS A 200 4.74 -3.89 54.31
C LYS A 200 3.64 -4.51 53.43
N HIS A 201 2.40 -4.06 53.61
CA HIS A 201 1.31 -4.58 52.79
C HIS A 201 1.48 -4.20 51.33
N TYR A 202 2.07 -3.02 51.07
CA TYR A 202 2.42 -2.67 49.70
C TYR A 202 3.41 -3.66 49.11
N ILE A 203 4.39 -4.10 49.91
CA ILE A 203 5.40 -5.00 49.39
C ILE A 203 4.80 -6.38 49.14
N LEU A 204 3.91 -6.86 50.02
CA LEU A 204 3.28 -8.15 49.75
C LEU A 204 2.39 -8.06 48.52
N PHE A 205 1.71 -6.92 48.33
CA PHE A 205 0.88 -6.73 47.13
C PHE A 205 1.73 -6.71 45.87
N CYS A 206 2.86 -6.01 45.91
CA CYS A 206 3.73 -5.93 44.75
C CYS A 206 4.31 -7.29 44.40
N THR A 207 4.73 -8.05 45.42
CA THR A 207 5.27 -9.38 45.15
C THR A 207 4.17 -10.34 44.70
N THR A 208 2.93 -10.14 45.15
CA THR A 208 1.81 -10.93 44.65
C THR A 208 1.56 -10.65 43.18
N VAL A 209 1.60 -9.37 42.78
CA VAL A 209 1.43 -9.02 41.37
C VAL A 209 2.58 -9.61 40.55
N PHE A 210 3.80 -9.58 41.08
CA PHE A 210 4.93 -10.18 40.37
C PHE A 210 4.77 -11.68 40.22
N THR A 211 4.25 -12.35 41.25
CA THR A 211 4.01 -13.80 41.15
C THR A 211 2.91 -14.10 40.14
N LEU A 212 1.86 -13.28 40.11
CA LEU A 212 0.80 -13.45 39.12
C LEU A 212 1.35 -13.29 37.70
N LEU A 213 2.23 -12.29 37.49
CA LEU A 213 2.83 -12.11 36.18
C LEU A 213 3.73 -13.28 35.80
N LEU A 214 4.51 -13.78 36.76
CA LEU A 214 5.34 -14.96 36.52
C LEU A 214 4.49 -16.15 36.08
N LEU A 215 3.43 -16.43 36.84
CA LEU A 215 2.58 -17.57 36.52
C LEU A 215 1.91 -17.39 35.16
N SER A 216 1.48 -16.17 34.85
CA SER A 216 0.85 -15.92 33.56
C SER A 216 1.83 -16.11 32.42
N ILE A 217 3.08 -15.69 32.59
CA ILE A 217 4.08 -15.84 31.54
C ILE A 217 4.37 -17.32 31.31
N VAL A 218 4.55 -18.08 32.38
CA VAL A 218 4.86 -19.50 32.22
C VAL A 218 3.69 -20.25 31.59
N ILE A 219 2.46 -19.93 32.01
CA ILE A 219 1.29 -20.56 31.39
C ILE A 219 1.20 -20.22 29.92
N LEU A 220 1.46 -18.96 29.56
CA LEU A 220 1.36 -18.55 28.16
C LEU A 220 2.40 -19.26 27.29
N TYR A 221 3.63 -19.36 27.78
CA TYR A 221 4.66 -20.02 26.97
C TYR A 221 4.43 -21.53 26.88
N CYS A 222 3.97 -22.14 27.97
CA CYS A 222 3.66 -23.56 27.92
C CYS A 222 2.49 -23.85 26.98
N ARG A 223 1.51 -22.94 26.93
CA ARG A 223 0.40 -23.13 26.02
C ARG A 223 0.83 -22.89 24.57
N ILE A 224 1.76 -21.97 24.34
CA ILE A 224 2.34 -21.81 22.99
C ILE A 224 2.99 -23.11 22.55
N TYR A 225 3.80 -23.70 23.44
CA TYR A 225 4.47 -24.95 23.09
C TYR A 225 3.47 -26.07 22.86
N SER A 226 2.40 -26.12 23.65
CA SER A 226 1.36 -27.13 23.45
C SER A 226 0.69 -26.96 22.10
N LEU A 227 0.36 -25.72 21.73
CA LEU A 227 -0.29 -25.47 20.44
C LEU A 227 0.61 -25.90 19.29
N VAL A 228 1.88 -25.50 19.33
CA VAL A 228 2.80 -25.85 18.25
C VAL A 228 2.99 -27.36 18.19
N ARG A 229 3.12 -28.01 19.35
CA ARG A 229 3.36 -29.45 19.37
C ARG A 229 2.18 -30.23 18.81
N THR A 230 0.95 -29.88 19.24
CA THR A 230 -0.20 -30.60 18.72
C THR A 230 -0.44 -30.32 17.23
N ARG A 231 -0.24 -29.07 16.80
CA ARG A 231 -0.46 -28.76 15.39
C ARG A 231 0.59 -29.43 14.51
N SER A 232 1.82 -29.57 15.00
CA SER A 232 2.84 -30.28 14.23
C SER A 232 2.67 -31.79 14.31
N ARG A 233 2.07 -32.29 15.38
CA ARG A 233 1.82 -33.73 15.51
C ARG A 233 0.65 -34.17 14.64
N ARG A 234 -0.32 -33.28 14.43
CA ARG A 234 -1.48 -33.64 13.61
C ARG A 234 -1.08 -33.85 12.14
N LEU A 235 -0.02 -33.20 11.68
CA LEU A 235 0.41 -33.33 10.29
C LEU A 235 1.02 -34.70 10.04
N THR A 236 0.98 -35.13 8.78
CA THR A 236 1.47 -36.45 8.38
C THR A 236 2.15 -36.37 7.00
N PHE A 237 3.47 -36.26 7.02
CA PHE A 237 4.26 -36.43 5.82
C PHE A 237 5.65 -36.90 6.22
N ARG A 238 6.34 -37.56 5.28
CA ARG A 238 7.64 -38.14 5.57
C ARG A 238 8.73 -37.08 5.64
N LYS A 239 8.84 -36.25 4.61
CA LYS A 239 9.89 -35.24 4.56
C LYS A 239 9.30 -33.83 4.45
N LYS A 250 12.00 -27.06 13.74
CA LYS A 250 11.29 -28.21 14.28
C LYS A 250 10.43 -27.80 15.48
N SER A 251 9.74 -28.77 16.06
CA SER A 251 8.98 -28.53 17.28
C SER A 251 9.87 -28.57 18.51
N LEU A 252 10.86 -29.46 18.52
CA LEU A 252 11.76 -29.56 19.65
C LEU A 252 12.74 -28.38 19.71
N ALA A 253 12.94 -27.69 18.58
CA ALA A 253 13.75 -26.47 18.60
C ALA A 253 13.06 -25.36 19.36
N LEU A 254 11.72 -25.40 19.42
CA LEU A 254 10.99 -24.40 20.19
C LEU A 254 11.12 -24.65 21.69
N LEU A 255 11.18 -25.92 22.09
CA LEU A 255 11.31 -26.25 23.51
C LEU A 255 12.60 -25.69 24.10
N LYS A 256 13.68 -25.67 23.31
CA LYS A 256 14.92 -25.08 23.78
C LYS A 256 14.73 -23.61 24.12
N THR A 257 14.12 -22.84 23.21
CA THR A 257 13.90 -21.42 23.44
C THR A 257 13.00 -21.19 24.65
N VAL A 258 11.88 -21.91 24.70
CA VAL A 258 10.94 -21.74 25.81
C VAL A 258 11.60 -22.06 27.14
N ILE A 259 12.40 -23.13 27.19
CA ILE A 259 12.95 -23.55 28.46
C ILE A 259 14.08 -22.64 28.89
N ILE A 260 14.85 -22.08 27.96
CA ILE A 260 15.91 -21.16 28.38
C ILE A 260 15.31 -19.82 28.81
N VAL A 261 14.23 -19.38 28.16
CA VAL A 261 13.58 -18.13 28.57
C VAL A 261 13.00 -18.28 29.98
N LEU A 262 12.19 -19.33 30.19
CA LEU A 262 11.60 -19.55 31.50
C LEU A 262 12.67 -19.82 32.55
N SER A 263 13.76 -20.49 32.17
CA SER A 263 14.82 -20.82 33.11
C SER A 263 15.51 -19.57 33.62
N VAL A 264 15.94 -18.69 32.70
CA VAL A 264 16.62 -17.48 33.15
C VAL A 264 15.67 -16.59 33.94
N PHE A 265 14.39 -16.55 33.54
CA PHE A 265 13.43 -15.69 34.25
C PHE A 265 13.24 -16.17 35.69
N ILE A 266 12.95 -17.47 35.87
CA ILE A 266 12.77 -17.99 37.22
C ILE A 266 14.05 -17.86 38.02
N ALA A 267 15.18 -18.34 37.47
CA ALA A 267 16.42 -18.41 38.22
C ALA A 267 16.94 -17.04 38.61
N CYS A 268 16.57 -15.99 37.89
CA CYS A 268 17.04 -14.67 38.28
C CYS A 268 15.95 -13.77 38.87
N TRP A 269 14.70 -14.23 38.98
CA TRP A 269 13.70 -13.43 39.66
C TRP A 269 13.11 -14.07 40.92
N ALA A 270 12.92 -15.38 40.94
CA ALA A 270 12.28 -16.08 42.06
C ALA A 270 13.02 -15.99 43.40
N PRO A 271 14.37 -15.89 43.43
CA PRO A 271 15.01 -15.57 44.72
C PRO A 271 14.50 -14.30 45.37
N LEU A 272 14.20 -13.26 44.60
CA LEU A 272 13.64 -12.04 45.19
C LEU A 272 12.24 -12.30 45.73
N PHE A 273 11.46 -13.10 45.01
CA PHE A 273 10.11 -13.47 45.45
C PHE A 273 10.16 -14.17 46.79
N ILE A 274 10.97 -15.24 46.89
CA ILE A 274 11.03 -15.98 48.16
C ILE A 274 11.69 -15.15 49.24
N LEU A 275 12.60 -14.24 48.86
CA LEU A 275 13.25 -13.37 49.82
C LEU A 275 12.25 -12.43 50.49
N LEU A 276 11.46 -11.72 49.68
CA LEU A 276 10.46 -10.83 50.23
C LEU A 276 9.34 -11.59 50.93
N LEU A 277 9.04 -12.83 50.49
CA LEU A 277 8.05 -13.64 51.18
C LEU A 277 8.52 -14.01 52.59
N LEU A 278 9.76 -14.48 52.71
CA LEU A 278 10.27 -14.79 54.05
C LEU A 278 10.47 -13.54 54.88
N ASP A 279 10.65 -12.39 54.23
CA ASP A 279 10.70 -11.13 54.98
C ASP A 279 9.35 -10.79 55.58
N VAL A 280 8.32 -10.66 54.74
CA VAL A 280 6.99 -10.26 55.21
C VAL A 280 6.35 -11.31 56.11
N GLY A 281 6.60 -12.59 55.86
CA GLY A 281 5.92 -13.63 56.60
C GLY A 281 6.71 -14.25 57.73
N CYS A 282 7.59 -13.46 58.34
CA CYS A 282 8.35 -13.92 59.51
C CYS A 282 8.35 -12.81 60.55
N LYS A 283 8.91 -13.14 61.72
CA LYS A 283 8.95 -12.20 62.83
C LYS A 283 9.91 -11.06 62.52
N VAL A 284 9.73 -9.97 63.25
CA VAL A 284 10.50 -8.75 63.01
C VAL A 284 11.83 -8.86 63.73
N LYS A 285 12.88 -8.34 63.09
CA LYS A 285 14.25 -8.20 63.59
C LYS A 285 14.97 -9.52 63.81
N THR A 286 14.44 -10.64 63.33
CA THR A 286 15.10 -11.93 63.45
C THR A 286 15.57 -12.49 62.12
N CYS A 287 15.33 -11.78 61.01
CA CYS A 287 15.73 -12.27 59.68
C CYS A 287 17.12 -11.71 59.33
N ASP A 288 18.13 -12.30 59.96
CA ASP A 288 19.51 -11.87 59.78
C ASP A 288 20.06 -12.25 58.41
N ILE A 289 19.40 -13.16 57.69
CA ILE A 289 19.85 -13.57 56.37
C ILE A 289 19.59 -12.50 55.33
N LEU A 290 18.86 -11.44 55.70
CA LEU A 290 18.69 -10.26 54.86
C LEU A 290 19.94 -9.39 54.96
N PHE A 291 19.82 -8.14 54.50
CA PHE A 291 20.82 -7.07 54.51
C PHE A 291 21.90 -7.29 53.47
N ARG A 292 21.85 -8.38 52.70
CA ARG A 292 22.68 -8.56 51.53
C ARG A 292 21.84 -8.53 50.25
N ALA A 293 20.77 -7.73 50.27
CA ALA A 293 19.86 -7.67 49.13
C ALA A 293 20.50 -7.02 47.91
N GLU A 294 21.65 -6.37 48.07
CA GLU A 294 22.34 -5.79 46.92
C GLU A 294 22.76 -6.87 45.92
N TYR A 295 23.10 -8.06 46.40
CA TYR A 295 23.34 -9.18 45.50
C TYR A 295 22.04 -9.66 44.86
N PHE A 296 20.96 -9.69 45.64
CA PHE A 296 19.66 -10.00 45.08
C PHE A 296 19.25 -8.97 44.04
N LEU A 297 19.46 -7.69 44.33
CA LEU A 297 19.11 -6.65 43.37
C LEU A 297 19.96 -6.74 42.11
N VAL A 298 21.25 -7.08 42.25
CA VAL A 298 22.07 -7.12 41.05
C VAL A 298 21.74 -8.36 40.22
N LEU A 299 21.31 -9.46 40.85
CA LEU A 299 20.89 -10.60 40.04
C LEU A 299 19.53 -10.33 39.39
N ALA A 300 18.65 -9.61 40.09
CA ALA A 300 17.37 -9.25 39.50
C ALA A 300 17.52 -8.29 38.33
N VAL A 301 18.53 -7.41 38.37
CA VAL A 301 18.74 -6.55 37.21
C VAL A 301 19.58 -7.28 36.16
N LEU A 302 20.33 -8.31 36.58
CA LEU A 302 21.03 -9.14 35.60
C LEU A 302 20.05 -9.95 34.77
N ASN A 303 18.91 -10.33 35.36
CA ASN A 303 17.80 -10.88 34.58
C ASN A 303 17.43 -9.97 33.43
N SER A 304 17.16 -8.71 33.75
CA SER A 304 16.79 -7.74 32.71
C SER A 304 17.91 -7.57 31.71
N GLY A 305 19.15 -7.57 32.18
CA GLY A 305 20.28 -7.39 31.29
C GLY A 305 20.54 -8.55 30.35
N THR A 306 20.22 -9.77 30.79
CA THR A 306 20.41 -10.94 29.94
C THR A 306 19.19 -11.25 29.09
N ASN A 307 18.06 -10.59 29.34
CA ASN A 307 16.93 -10.70 28.43
C ASN A 307 17.27 -10.33 26.98
N PRO A 308 17.88 -9.17 26.67
CA PRO A 308 18.05 -8.82 25.25
C PRO A 308 19.00 -9.73 24.51
N ILE A 309 20.02 -10.31 25.17
CA ILE A 309 20.91 -11.22 24.45
C ILE A 309 20.14 -12.48 24.04
N ILE A 310 19.18 -12.91 24.85
CA ILE A 310 18.32 -14.03 24.47
C ILE A 310 17.42 -13.62 23.31
N TYR A 311 16.73 -12.50 23.45
CA TYR A 311 15.77 -12.08 22.44
C TYR A 311 16.41 -11.50 21.19
N THR A 312 17.75 -11.46 21.11
CA THR A 312 18.41 -11.16 19.85
C THR A 312 19.26 -12.30 19.31
N LEU A 313 19.65 -13.26 20.15
CA LEU A 313 20.38 -14.43 19.66
C LEU A 313 19.42 -15.50 19.16
N THR A 314 18.29 -15.69 19.86
CA THR A 314 17.30 -16.64 19.38
C THR A 314 16.67 -16.19 18.06
N ASN A 315 16.45 -14.88 17.92
CA ASN A 315 15.90 -14.33 16.68
C ASN A 315 17.06 -14.09 15.72
N LYS A 316 17.19 -14.98 14.74
CA LYS A 316 18.30 -14.89 13.80
C LYS A 316 18.10 -13.77 12.79
N GLU A 317 16.85 -13.35 12.56
CA GLU A 317 16.58 -12.28 11.62
C GLU A 317 17.27 -10.99 12.03
N MET A 318 17.17 -10.62 13.31
CA MET A 318 17.85 -9.43 13.80
C MET A 318 19.31 -9.70 14.13
N ARG A 319 19.69 -10.96 14.35
CA ARG A 319 21.11 -11.27 14.50
C ARG A 319 21.84 -11.06 13.17
N ARG A 320 21.14 -11.23 12.06
CA ARG A 320 21.70 -10.84 10.77
C ARG A 320 21.95 -9.34 10.70
N ALA A 321 21.04 -8.55 11.28
CA ALA A 321 21.23 -7.10 11.31
C ALA A 321 22.38 -6.72 12.22
N PHE A 322 22.52 -7.41 13.35
CA PHE A 322 23.66 -7.20 14.26
C PHE A 322 24.88 -7.84 13.62
N ILE A 323 25.60 -7.05 12.81
CA ILE A 323 26.77 -7.57 12.13
C ILE A 323 27.97 -7.65 13.07
N ARG A 324 28.37 -6.51 13.65
CA ARG A 324 29.54 -6.47 14.53
C ARG A 324 29.33 -5.38 15.58
N ILE A 325 30.24 -5.36 16.55
CA ILE A 325 30.17 -4.37 17.62
C ILE A 325 30.87 -3.08 17.19
N THR B 4 -12.19 24.07 5.81
CA THR B 4 -12.01 25.05 4.75
C THR B 4 -12.41 24.50 3.39
N LEU B 5 -12.84 23.24 3.36
CA LEU B 5 -13.28 22.62 2.12
C LEU B 5 -14.70 23.05 1.78
N SER B 6 -15.05 22.93 0.50
CA SER B 6 -16.37 23.30 0.04
C SER B 6 -17.37 22.18 0.34
N ALA B 7 -18.59 22.35 -0.14
CA ALA B 7 -19.61 21.35 0.11
C ALA B 7 -19.38 20.09 -0.71
N GLU B 8 -18.76 20.24 -1.87
CA GLU B 8 -18.48 19.12 -2.75
C GLU B 8 -17.19 18.39 -2.35
N ASP B 9 -16.21 19.15 -1.86
CA ASP B 9 -14.94 18.54 -1.47
C ASP B 9 -15.10 17.63 -0.27
N LYS B 10 -15.99 18.00 0.67
CA LYS B 10 -16.26 17.12 1.80
C LYS B 10 -16.88 15.81 1.34
N ALA B 11 -17.82 15.87 0.40
CA ALA B 11 -18.43 14.64 -0.10
C ALA B 11 -17.44 13.82 -0.91
N ALA B 12 -16.51 14.48 -1.60
CA ALA B 12 -15.46 13.75 -2.29
C ALA B 12 -14.56 13.02 -1.32
N VAL B 13 -14.22 13.67 -0.20
CA VAL B 13 -13.40 13.02 0.83
C VAL B 13 -14.18 11.86 1.45
N GLU B 14 -15.49 12.01 1.60
CA GLU B 14 -16.29 10.92 2.15
C GLU B 14 -16.33 9.73 1.21
N ARG B 15 -16.46 9.98 -0.10
CA ARG B 15 -16.36 8.90 -1.08
C ARG B 15 -14.99 8.24 -1.04
N SER B 16 -13.94 9.04 -0.89
CA SER B 16 -12.60 8.49 -0.76
C SER B 16 -12.46 7.60 0.46
N LYS B 17 -13.12 7.97 1.56
CA LYS B 17 -13.01 7.16 2.77
C LYS B 17 -13.81 5.87 2.64
N MET B 18 -14.96 5.91 1.96
CA MET B 18 -15.67 4.67 1.69
C MET B 18 -14.86 3.76 0.78
N ILE B 19 -14.14 4.34 -0.19
CA ILE B 19 -13.29 3.53 -1.04
C ILE B 19 -12.14 2.93 -0.24
N ASP B 20 -11.56 3.70 0.68
CA ASP B 20 -10.56 3.16 1.61
C ASP B 20 -11.12 1.98 2.40
N ARG B 21 -12.36 2.11 2.87
CA ARG B 21 -12.97 1.05 3.65
C ARG B 21 -13.15 -0.21 2.83
N ASN B 22 -13.62 -0.07 1.59
CA ASN B 22 -13.79 -1.25 0.75
C ASN B 22 -12.46 -1.87 0.37
N LEU B 23 -11.42 -1.05 0.19
CA LEU B 23 -10.09 -1.59 -0.09
C LEU B 23 -9.56 -2.38 1.10
N ARG B 24 -9.77 -1.88 2.32
CA ARG B 24 -9.32 -2.62 3.49
C ARG B 24 -10.10 -3.91 3.67
N GLU B 25 -11.41 -3.89 3.40
CA GLU B 25 -12.19 -5.12 3.49
C GLU B 25 -11.72 -6.14 2.47
N ASP B 26 -11.45 -5.70 1.23
CA ASP B 26 -10.98 -6.62 0.21
C ASP B 26 -9.58 -7.15 0.53
N GLY B 27 -8.73 -6.32 1.12
CA GLY B 27 -7.41 -6.79 1.53
C GLY B 27 -7.49 -7.82 2.65
N GLU B 28 -8.34 -7.58 3.64
CA GLU B 28 -8.51 -8.57 4.71
C GLU B 28 -9.15 -9.84 4.19
N LYS B 29 -9.99 -9.74 3.16
CA LYS B 29 -10.59 -10.94 2.59
C LYS B 29 -9.60 -11.72 1.73
N ALA B 30 -8.69 -11.03 1.06
CA ALA B 30 -7.71 -11.69 0.20
C ALA B 30 -6.43 -12.05 0.92
N ALA B 31 -6.29 -11.67 2.20
CA ALA B 31 -5.12 -12.08 2.96
C ALA B 31 -5.27 -13.44 3.61
N ARG B 32 -6.49 -13.90 3.83
CA ARG B 32 -6.71 -15.24 4.37
C ARG B 32 -6.96 -16.26 3.27
N GLU B 33 -6.10 -16.27 2.25
CA GLU B 33 -6.22 -17.21 1.16
C GLU B 33 -4.83 -17.66 0.75
N VAL B 34 -4.62 -18.98 0.69
CA VAL B 34 -3.34 -19.52 0.30
C VAL B 34 -3.13 -19.31 -1.19
N LYS B 35 -1.99 -18.77 -1.57
CA LYS B 35 -1.63 -18.59 -2.96
C LYS B 35 -0.54 -19.59 -3.31
N LEU B 36 -0.87 -20.53 -4.19
CA LEU B 36 0.06 -21.55 -4.63
C LEU B 36 0.41 -21.31 -6.09
N LEU B 37 1.61 -21.74 -6.48
CA LEU B 37 2.09 -21.57 -7.85
C LEU B 37 2.46 -22.93 -8.41
N LEU B 38 1.80 -23.34 -9.48
CA LEU B 38 2.13 -24.58 -10.16
C LEU B 38 3.21 -24.36 -11.19
N LEU B 39 4.17 -25.27 -11.25
CA LEU B 39 5.28 -25.19 -12.18
C LEU B 39 5.55 -26.58 -12.71
N GLY B 40 6.68 -26.75 -13.34
CA GLY B 40 6.99 -28.04 -13.92
C GLY B 40 6.86 -28.02 -15.43
N ALA B 41 7.63 -28.88 -16.08
CA ALA B 41 7.66 -28.93 -17.54
C ALA B 41 6.33 -29.43 -18.09
N GLY B 42 6.21 -29.37 -19.42
CA GLY B 42 5.03 -29.89 -20.07
C GLY B 42 4.94 -31.40 -19.96
N GLU B 43 3.70 -31.90 -19.95
CA GLU B 43 3.39 -33.33 -19.80
C GLU B 43 3.97 -33.90 -18.51
N SER B 44 4.01 -33.09 -17.45
CA SER B 44 4.47 -33.55 -16.14
C SER B 44 3.33 -34.03 -15.26
N GLY B 45 2.10 -33.96 -15.73
CA GLY B 45 0.96 -34.43 -14.97
C GLY B 45 0.30 -33.41 -14.09
N LYS B 46 0.56 -32.12 -14.29
CA LYS B 46 -0.11 -31.10 -13.48
C LYS B 46 -1.60 -31.00 -13.79
N SER B 47 -2.03 -31.54 -14.94
CA SER B 47 -3.46 -31.65 -15.20
C SER B 47 -4.14 -32.53 -14.16
N THR B 48 -3.46 -33.60 -13.74
CA THR B 48 -3.98 -34.44 -12.66
C THR B 48 -4.15 -33.63 -11.38
N ILE B 49 -3.17 -32.78 -11.06
CA ILE B 49 -3.24 -32.00 -9.83
C ILE B 49 -4.36 -30.97 -9.90
N VAL B 50 -4.50 -30.27 -11.04
CA VAL B 50 -5.61 -29.31 -11.11
C VAL B 50 -6.95 -30.02 -11.22
N LYS B 51 -6.96 -31.32 -11.53
CA LYS B 51 -8.20 -32.07 -11.43
C LYS B 51 -8.45 -32.62 -10.03
N GLN B 52 -7.41 -32.69 -9.19
CA GLN B 52 -7.56 -33.21 -7.83
C GLN B 52 -8.45 -32.36 -6.94
N MET B 53 -8.82 -31.14 -7.35
CA MET B 53 -9.53 -30.24 -6.46
C MET B 53 -10.93 -30.76 -6.12
N LYS B 54 -11.81 -30.89 -7.13
CA LYS B 54 -13.11 -31.55 -7.04
C LYS B 54 -13.98 -30.98 -5.90
N ILE B 55 -14.31 -29.70 -6.03
CA ILE B 55 -15.18 -29.06 -5.04
C ILE B 55 -16.63 -29.04 -5.53
N THR B 182 -5.90 -18.71 -22.92
CA THR B 182 -4.48 -18.75 -22.59
C THR B 182 -4.16 -17.79 -21.45
N GLY B 183 -2.87 -17.55 -21.23
CA GLY B 183 -2.45 -16.72 -20.12
C GLY B 183 -2.32 -17.52 -18.83
N ILE B 184 -2.58 -16.84 -17.72
CA ILE B 184 -2.54 -17.52 -16.42
C ILE B 184 -3.89 -18.17 -16.16
N VAL B 185 -3.88 -19.27 -15.43
CA VAL B 185 -5.09 -20.01 -15.08
C VAL B 185 -5.18 -20.07 -13.57
N GLU B 186 -6.33 -19.70 -13.03
CA GLU B 186 -6.54 -19.56 -11.59
C GLU B 186 -7.55 -20.60 -11.14
N THR B 187 -7.14 -21.46 -10.20
CA THR B 187 -7.99 -22.52 -9.69
C THR B 187 -8.24 -22.27 -8.21
N HIS B 188 -9.47 -21.96 -7.86
CA HIS B 188 -9.87 -21.72 -6.48
C HIS B 188 -10.56 -22.96 -5.94
N PHE B 189 -9.94 -23.58 -4.94
CA PHE B 189 -10.57 -24.68 -4.23
C PHE B 189 -10.43 -24.45 -2.73
N THR B 190 -11.20 -25.19 -1.96
CA THR B 190 -11.24 -25.01 -0.53
C THR B 190 -11.12 -26.36 0.17
N PHE B 191 -10.76 -26.30 1.45
CA PHE B 191 -10.52 -27.48 2.26
C PHE B 191 -10.91 -27.13 3.70
N LYS B 192 -10.36 -27.86 4.66
CA LYS B 192 -10.80 -27.74 6.05
C LYS B 192 -10.37 -26.37 6.58
N ASP B 193 -11.22 -25.37 6.28
CA ASP B 193 -11.05 -23.99 6.71
C ASP B 193 -9.78 -23.35 6.15
N LEU B 194 -9.50 -23.60 4.88
CA LEU B 194 -8.49 -22.85 4.14
C LEU B 194 -8.94 -22.73 2.69
N HIS B 195 -8.88 -21.51 2.16
CA HIS B 195 -9.17 -21.25 0.76
C HIS B 195 -7.87 -21.17 0.01
N PHE B 196 -7.67 -22.07 -0.95
CA PHE B 196 -6.48 -22.10 -1.76
C PHE B 196 -6.74 -21.46 -3.12
N LYS B 197 -5.72 -20.86 -3.70
CA LYS B 197 -5.75 -20.39 -5.08
C LYS B 197 -4.49 -20.87 -5.76
N MET B 198 -4.65 -21.67 -6.82
CA MET B 198 -3.51 -22.17 -7.58
C MET B 198 -3.40 -21.40 -8.90
N PHE B 199 -2.17 -21.05 -9.26
CA PHE B 199 -1.90 -20.25 -10.46
C PHE B 199 -1.07 -21.08 -11.42
N ASP B 200 -1.74 -21.75 -12.35
CA ASP B 200 -1.04 -22.49 -13.40
C ASP B 200 -0.49 -21.50 -14.41
N VAL B 201 0.84 -21.34 -14.42
CA VAL B 201 1.47 -20.36 -15.31
C VAL B 201 2.15 -20.99 -16.51
N GLY B 202 2.19 -22.31 -16.60
CA GLY B 202 2.87 -22.97 -17.70
C GLY B 202 2.25 -22.75 -19.06
N ALA B 203 1.07 -22.13 -19.12
CA ALA B 203 0.40 -21.93 -20.40
C ALA B 203 1.15 -20.93 -21.27
N GLN B 204 1.55 -19.80 -20.70
CA GLN B 204 2.24 -18.78 -21.47
C GLN B 204 3.73 -19.06 -21.51
N ARG B 205 4.33 -18.88 -22.68
CA ARG B 205 5.75 -19.09 -22.88
C ARG B 205 6.39 -17.73 -23.13
N SER B 206 7.18 -17.27 -22.18
CA SER B 206 7.93 -16.03 -22.29
C SER B 206 9.18 -16.19 -21.44
N GLU B 207 9.93 -15.10 -21.31
CA GLU B 207 11.08 -15.11 -20.40
C GLU B 207 10.54 -15.16 -18.98
N ARG B 208 10.67 -16.32 -18.35
CA ARG B 208 10.14 -16.52 -17.00
C ARG B 208 10.76 -15.56 -16.01
N LYS B 209 11.99 -15.10 -16.27
CA LYS B 209 12.61 -14.14 -15.37
C LYS B 209 12.01 -12.74 -15.51
N LYS B 210 11.08 -12.53 -16.43
CA LYS B 210 10.45 -11.22 -16.59
C LYS B 210 9.13 -11.10 -15.87
N TRP B 211 8.51 -12.21 -15.49
CA TRP B 211 7.28 -12.16 -14.72
C TRP B 211 7.30 -13.03 -13.47
N ILE B 212 8.42 -13.71 -13.19
CA ILE B 212 8.44 -14.60 -12.04
C ILE B 212 8.46 -13.82 -10.74
N HIS B 213 8.81 -12.54 -10.77
CA HIS B 213 8.80 -11.76 -9.54
C HIS B 213 7.40 -11.33 -9.13
N CYS B 214 6.41 -11.54 -9.99
CA CYS B 214 5.03 -11.26 -9.60
C CYS B 214 4.52 -12.24 -8.57
N PHE B 215 5.19 -13.37 -8.37
CA PHE B 215 4.77 -14.40 -7.44
C PHE B 215 5.69 -14.49 -6.23
N GLU B 216 6.41 -13.43 -5.90
CA GLU B 216 7.37 -13.55 -4.82
C GLU B 216 6.73 -13.58 -3.44
N GLY B 217 5.42 -13.46 -3.34
CA GLY B 217 4.76 -13.50 -2.06
C GLY B 217 3.81 -14.66 -1.90
N VAL B 218 3.95 -15.69 -2.74
CA VAL B 218 3.08 -16.85 -2.61
C VAL B 218 3.47 -17.63 -1.37
N THR B 219 2.54 -18.48 -0.91
CA THR B 219 2.78 -19.24 0.30
C THR B 219 3.69 -20.43 0.05
N ALA B 220 3.39 -21.22 -0.99
CA ALA B 220 4.23 -22.34 -1.35
C ALA B 220 4.34 -22.38 -2.87
N ILE B 221 5.06 -23.38 -3.36
CA ILE B 221 5.23 -23.58 -4.80
C ILE B 221 5.01 -25.06 -5.11
N ILE B 222 3.91 -25.39 -5.74
CA ILE B 222 3.68 -26.76 -6.17
C ILE B 222 4.48 -27.03 -7.43
N PHE B 223 5.28 -28.07 -7.41
CA PHE B 223 6.19 -28.39 -8.51
C PHE B 223 5.93 -29.83 -8.92
N CYS B 224 5.35 -30.03 -10.10
CA CYS B 224 5.02 -31.36 -10.57
C CYS B 224 6.14 -31.90 -11.45
N VAL B 225 6.50 -33.16 -11.21
CA VAL B 225 7.53 -33.85 -11.98
C VAL B 225 7.02 -35.24 -12.32
N ALA B 226 7.12 -35.62 -13.59
CA ALA B 226 6.70 -36.93 -14.04
C ALA B 226 7.84 -37.92 -13.80
N LEU B 227 7.60 -38.92 -12.95
CA LEU B 227 8.60 -39.95 -12.72
C LEU B 227 8.80 -40.84 -13.93
N SER B 228 7.77 -40.97 -14.76
CA SER B 228 7.85 -41.83 -15.94
C SER B 228 8.67 -41.22 -17.06
N ASP B 229 9.20 -40.01 -16.89
CA ASP B 229 9.96 -39.35 -17.94
C ASP B 229 11.47 -39.45 -17.70
N TYR B 230 11.91 -40.40 -16.88
CA TYR B 230 13.33 -40.55 -16.62
C TYR B 230 14.09 -41.13 -17.80
N ASP B 231 13.42 -41.80 -18.74
CA ASP B 231 14.08 -42.36 -19.90
C ASP B 231 13.72 -41.67 -21.20
N LEU B 232 12.67 -40.86 -21.23
CA LEU B 232 12.25 -40.19 -22.45
C LEU B 232 13.19 -39.03 -22.76
N VAL B 233 13.30 -38.72 -24.05
CA VAL B 233 14.22 -37.71 -24.55
C VAL B 233 13.44 -36.71 -25.37
N LEU B 234 13.86 -35.44 -25.31
CA LEU B 234 13.23 -34.37 -26.06
C LEU B 234 13.78 -34.22 -27.47
N ALA B 235 14.90 -34.86 -27.78
CA ALA B 235 15.57 -34.78 -29.09
C ALA B 235 15.88 -33.34 -29.49
N MET B 240 17.60 -32.29 -23.38
CA MET B 240 17.58 -33.61 -23.98
C MET B 240 16.73 -34.57 -23.15
N ASN B 241 17.29 -35.07 -22.05
CA ASN B 241 16.57 -35.97 -21.17
C ASN B 241 15.54 -35.18 -20.38
N ARG B 242 14.29 -35.66 -20.40
CA ARG B 242 13.19 -34.90 -19.82
C ARG B 242 13.34 -34.77 -18.31
N MET B 243 13.83 -35.82 -17.64
CA MET B 243 14.09 -35.72 -16.21
C MET B 243 15.17 -34.69 -15.93
N HIS B 244 16.18 -34.60 -16.79
CA HIS B 244 17.21 -33.59 -16.62
C HIS B 244 16.67 -32.20 -16.88
N GLU B 245 15.71 -32.06 -17.80
CA GLU B 245 15.08 -30.76 -18.01
C GLU B 245 14.27 -30.35 -16.79
N SER B 246 13.55 -31.30 -16.19
CA SER B 246 12.80 -31.01 -14.97
C SER B 246 13.75 -30.64 -13.84
N MET B 247 14.89 -31.33 -13.74
CA MET B 247 15.86 -31.00 -12.71
C MET B 247 16.47 -29.62 -12.93
N LYS B 248 16.71 -29.25 -14.18
CA LYS B 248 17.24 -27.91 -14.47
C LYS B 248 16.22 -26.85 -14.11
N LEU B 249 14.94 -27.08 -14.42
CA LEU B 249 13.91 -26.11 -14.07
C LEU B 249 13.76 -26.01 -12.56
N PHE B 250 13.85 -27.13 -11.85
CA PHE B 250 13.76 -27.11 -10.40
C PHE B 250 14.95 -26.39 -9.78
N ASP B 251 16.14 -26.56 -10.37
CA ASP B 251 17.31 -25.84 -9.90
C ASP B 251 17.18 -24.35 -10.15
N SER B 252 16.56 -23.98 -11.27
CA SER B 252 16.40 -22.56 -11.57
C SER B 252 15.36 -21.91 -10.68
N ILE B 253 14.31 -22.63 -10.31
CA ILE B 253 13.23 -22.04 -9.54
C ILE B 253 13.48 -22.10 -8.04
N CYS B 254 14.04 -23.21 -7.55
CA CYS B 254 14.24 -23.37 -6.11
C CYS B 254 15.27 -22.38 -5.57
N ASN B 255 16.26 -22.02 -6.38
CA ASN B 255 17.33 -21.13 -5.95
C ASN B 255 17.20 -19.74 -6.52
N ASN B 256 16.00 -19.37 -6.99
CA ASN B 256 15.78 -18.03 -7.50
C ASN B 256 15.84 -17.02 -6.37
N LYS B 257 16.23 -15.79 -6.70
CA LYS B 257 16.39 -14.77 -5.67
C LYS B 257 15.06 -14.27 -5.12
N TRP B 258 13.95 -14.60 -5.76
CA TRP B 258 12.64 -14.20 -5.26
C TRP B 258 12.07 -15.22 -4.30
N PHE B 259 12.18 -16.50 -4.62
CA PHE B 259 11.71 -17.57 -3.74
C PHE B 259 12.83 -18.06 -2.85
N THR B 260 13.46 -17.13 -2.15
CA THR B 260 14.60 -17.47 -1.31
C THR B 260 14.18 -18.12 0.00
N ASP B 261 12.91 -18.02 0.37
CA ASP B 261 12.42 -18.72 1.55
C ASP B 261 11.03 -19.31 1.33
N THR B 262 10.50 -19.29 0.12
CA THR B 262 9.22 -19.89 -0.19
C THR B 262 9.41 -21.38 -0.40
N SER B 263 8.77 -22.19 0.44
CA SER B 263 8.95 -23.64 0.39
C SER B 263 8.33 -24.21 -0.87
N ILE B 264 8.72 -25.43 -1.21
CA ILE B 264 8.29 -26.10 -2.43
C ILE B 264 7.56 -27.38 -2.06
N ILE B 265 6.39 -27.59 -2.66
CA ILE B 265 5.65 -28.83 -2.50
C ILE B 265 5.87 -29.67 -3.75
N LEU B 266 6.85 -30.56 -3.70
CA LEU B 266 7.25 -31.32 -4.87
C LEU B 266 6.38 -32.56 -5.02
N PHE B 267 5.63 -32.64 -6.12
CA PHE B 267 4.86 -33.83 -6.44
C PHE B 267 5.62 -34.64 -7.48
N LEU B 268 5.60 -35.96 -7.31
CA LEU B 268 6.25 -36.87 -8.24
C LEU B 268 5.17 -37.77 -8.82
N ASN B 269 4.59 -37.36 -9.93
CA ASN B 269 3.46 -38.06 -10.53
C ASN B 269 3.92 -39.33 -11.23
N LYS B 270 2.93 -40.06 -11.76
CA LYS B 270 3.14 -41.25 -12.58
C LYS B 270 3.97 -42.31 -11.85
N LYS B 271 3.59 -42.59 -10.60
CA LYS B 271 4.34 -43.55 -9.81
C LYS B 271 4.12 -44.97 -10.31
N ASP B 272 2.91 -45.28 -10.79
CA ASP B 272 2.65 -46.61 -11.33
C ASP B 272 3.29 -46.80 -12.69
N LEU B 273 3.23 -45.77 -13.55
CA LEU B 273 3.97 -45.83 -14.80
C LEU B 273 5.45 -45.99 -14.54
N PHE B 274 5.96 -45.32 -13.50
CA PHE B 274 7.36 -45.49 -13.11
C PHE B 274 7.62 -46.91 -12.64
N GLU B 275 6.65 -47.51 -11.95
CA GLU B 275 6.74 -48.90 -11.54
C GLU B 275 6.97 -49.82 -12.73
N GLU B 276 6.08 -49.73 -13.73
CA GLU B 276 6.23 -50.62 -14.90
C GLU B 276 7.51 -50.30 -15.67
N LYS B 277 7.83 -49.01 -15.84
CA LYS B 277 9.00 -48.63 -16.60
C LYS B 277 10.27 -49.16 -15.97
N ILE B 278 10.41 -49.02 -14.65
CA ILE B 278 11.60 -49.54 -13.99
C ILE B 278 11.56 -51.06 -13.97
N LYS B 279 10.36 -51.65 -14.06
CA LYS B 279 10.30 -53.10 -14.19
C LYS B 279 10.82 -53.56 -15.55
N LYS B 280 10.72 -52.71 -16.58
CA LYS B 280 11.30 -53.02 -17.88
C LYS B 280 12.66 -52.36 -18.10
N SER B 281 12.76 -51.04 -17.87
CA SER B 281 13.90 -50.25 -18.31
C SER B 281 14.71 -49.73 -17.11
N PRO B 282 16.02 -49.68 -17.23
CA PRO B 282 16.85 -49.27 -16.09
C PRO B 282 16.83 -47.77 -15.86
N LEU B 283 17.21 -47.39 -14.64
CA LEU B 283 17.32 -45.99 -14.25
C LEU B 283 18.65 -45.37 -14.68
N THR B 284 19.63 -46.20 -15.06
CA THR B 284 20.96 -45.70 -15.41
C THR B 284 20.92 -44.77 -16.62
N ILE B 285 19.89 -44.88 -17.47
CA ILE B 285 19.76 -43.99 -18.62
C ILE B 285 19.64 -42.54 -18.20
N CYS B 286 18.98 -42.28 -17.08
CA CYS B 286 18.93 -40.91 -16.57
C CYS B 286 20.14 -40.59 -15.71
N TYR B 287 20.43 -41.43 -14.72
CA TYR B 287 21.56 -41.20 -13.84
C TYR B 287 22.61 -42.28 -14.06
N PRO B 288 23.67 -42.01 -14.84
CA PRO B 288 24.73 -43.01 -14.98
C PRO B 288 25.48 -43.27 -13.68
N GLU B 289 25.59 -42.27 -12.82
CA GLU B 289 26.27 -42.43 -11.54
C GLU B 289 25.47 -43.28 -10.54
N TYR B 290 24.24 -43.66 -10.88
CA TYR B 290 23.46 -44.51 -10.01
C TYR B 290 24.06 -45.91 -9.94
N ALA B 291 24.07 -46.49 -8.75
CA ALA B 291 24.66 -47.81 -8.54
C ALA B 291 23.77 -48.74 -7.73
N GLY B 292 22.59 -48.30 -7.32
CA GLY B 292 21.70 -49.13 -6.53
C GLY B 292 20.95 -50.13 -7.37
N SER B 293 20.22 -51.00 -6.68
CA SER B 293 19.45 -52.05 -7.34
C SER B 293 18.19 -51.47 -7.96
N ASN B 294 17.90 -51.89 -9.18
CA ASN B 294 16.79 -51.31 -9.93
C ASN B 294 15.47 -51.84 -9.40
N THR B 295 15.01 -51.30 -8.27
CA THR B 295 13.71 -51.59 -7.72
C THR B 295 13.00 -50.26 -7.47
N TYR B 296 11.70 -50.34 -7.18
CA TYR B 296 10.88 -49.14 -7.13
C TYR B 296 11.27 -48.23 -5.97
N GLU B 297 11.36 -48.80 -4.76
CA GLU B 297 11.44 -47.99 -3.56
C GLU B 297 12.73 -47.18 -3.50
N GLU B 298 13.88 -47.86 -3.63
CA GLU B 298 15.14 -47.14 -3.45
C GLU B 298 15.46 -46.24 -4.64
N ALA B 299 14.96 -46.57 -5.83
CA ALA B 299 15.17 -45.67 -6.97
C ALA B 299 14.30 -44.43 -6.85
N ALA B 300 13.06 -44.58 -6.38
CA ALA B 300 12.24 -43.42 -6.09
C ALA B 300 12.88 -42.55 -5.02
N ALA B 301 13.44 -43.19 -3.99
CA ALA B 301 14.17 -42.44 -2.97
C ALA B 301 15.39 -41.73 -3.56
N TYR B 302 16.04 -42.37 -4.54
CA TYR B 302 17.20 -41.74 -5.17
C TYR B 302 16.79 -40.52 -5.98
N ILE B 303 15.68 -40.61 -6.71
CA ILE B 303 15.19 -39.46 -7.48
C ILE B 303 14.82 -38.32 -6.54
N GLN B 304 14.11 -38.65 -5.46
CA GLN B 304 13.77 -37.63 -4.46
C GLN B 304 15.03 -37.02 -3.86
N CYS B 305 16.06 -37.83 -3.61
CA CYS B 305 17.30 -37.32 -3.04
C CYS B 305 18.01 -36.40 -4.02
N GLN B 306 17.98 -36.72 -5.32
CA GLN B 306 18.54 -35.82 -6.32
C GLN B 306 17.84 -34.48 -6.31
N PHE B 307 16.50 -34.50 -6.33
CA PHE B 307 15.75 -33.25 -6.36
C PHE B 307 15.97 -32.43 -5.10
N GLU B 308 16.07 -33.08 -3.94
CA GLU B 308 16.32 -32.34 -2.72
C GLU B 308 17.77 -31.88 -2.61
N ASP B 309 18.71 -32.57 -3.25
CA ASP B 309 20.08 -32.09 -3.32
C ASP B 309 20.26 -30.98 -4.34
N LEU B 310 19.25 -30.71 -5.17
CA LEU B 310 19.29 -29.52 -6.00
C LEU B 310 18.94 -28.24 -5.23
N ASN B 311 18.87 -28.30 -3.91
CA ASN B 311 18.44 -27.18 -3.08
C ASN B 311 19.67 -26.56 -2.42
N LYS B 312 20.10 -25.40 -2.95
CA LYS B 312 21.26 -24.72 -2.37
C LYS B 312 20.91 -24.09 -1.02
N ARG B 313 19.69 -23.60 -0.87
CA ARG B 313 19.26 -22.92 0.34
C ARG B 313 18.46 -23.89 1.20
N LYS B 314 19.09 -24.42 2.25
CA LYS B 314 18.43 -25.36 3.13
C LYS B 314 18.06 -24.78 4.48
N ASP B 315 18.58 -23.61 4.83
CA ASP B 315 18.26 -22.99 6.11
C ASP B 315 16.92 -22.29 6.09
N THR B 316 16.45 -21.87 4.93
CA THR B 316 15.27 -21.03 4.81
C THR B 316 14.03 -21.77 4.33
N LYS B 317 14.15 -22.66 3.36
CA LYS B 317 13.00 -23.29 2.74
C LYS B 317 13.03 -24.80 2.98
N GLU B 318 11.88 -25.42 2.73
CA GLU B 318 11.69 -26.85 2.91
C GLU B 318 11.07 -27.42 1.64
N ILE B 319 11.31 -28.70 1.40
CA ILE B 319 10.79 -29.39 0.22
C ILE B 319 9.96 -30.56 0.71
N TYR B 320 8.65 -30.49 0.52
CA TYR B 320 7.73 -31.53 0.98
C TYR B 320 7.41 -32.44 -0.19
N THR B 321 8.18 -33.51 -0.32
CA THR B 321 8.02 -34.43 -1.44
C THR B 321 6.85 -35.38 -1.18
N HIS B 322 6.14 -35.73 -2.25
CA HIS B 322 5.02 -36.65 -2.16
C HIS B 322 4.91 -37.43 -3.46
N PHE B 323 4.73 -38.74 -3.35
CA PHE B 323 4.62 -39.60 -4.52
C PHE B 323 3.14 -39.81 -4.84
N THR B 324 2.59 -38.85 -5.58
CA THR B 324 1.19 -38.93 -5.94
C THR B 324 0.99 -39.86 -7.12
N CYS B 325 -0.26 -40.28 -7.30
CA CYS B 325 -0.72 -41.03 -8.46
C CYS B 325 -1.96 -40.35 -9.01
N SER B 326 -2.41 -40.82 -10.17
CA SER B 326 -3.63 -40.30 -10.77
C SER B 326 -4.90 -40.94 -10.21
N THR B 327 -4.80 -41.60 -9.05
CA THR B 327 -5.90 -42.40 -8.52
C THR B 327 -6.48 -41.85 -7.21
N ASP B 328 -5.64 -41.66 -6.19
CA ASP B 328 -6.14 -41.37 -4.86
C ASP B 328 -6.34 -39.86 -4.66
N THR B 329 -7.07 -39.53 -3.59
CA THR B 329 -7.40 -38.15 -3.25
C THR B 329 -6.64 -37.65 -2.02
N LYS B 330 -5.51 -38.26 -1.69
CA LYS B 330 -4.69 -37.79 -0.60
C LYS B 330 -3.86 -36.57 -0.97
N ASN B 331 -3.90 -36.14 -2.23
CA ASN B 331 -3.06 -35.04 -2.68
C ASN B 331 -3.47 -33.73 -2.03
N VAL B 332 -4.78 -33.47 -1.96
CA VAL B 332 -5.25 -32.24 -1.32
C VAL B 332 -4.95 -32.28 0.17
N GLN B 333 -4.98 -33.47 0.77
CA GLN B 333 -4.59 -33.60 2.17
C GLN B 333 -3.13 -33.26 2.36
N PHE B 334 -2.27 -33.72 1.44
CA PHE B 334 -0.84 -33.40 1.55
C PHE B 334 -0.59 -31.91 1.35
N VAL B 335 -1.31 -31.30 0.41
CA VAL B 335 -1.15 -29.87 0.18
C VAL B 335 -1.60 -29.09 1.42
N PHE B 336 -2.70 -29.51 2.03
CA PHE B 336 -3.17 -28.87 3.26
C PHE B 336 -2.15 -29.02 4.37
N ASP B 337 -1.57 -30.21 4.52
CA ASP B 337 -0.60 -30.44 5.59
C ASP B 337 0.66 -29.61 5.37
N ALA B 338 1.16 -29.57 4.14
CA ALA B 338 2.37 -28.80 3.87
C ALA B 338 2.12 -27.31 4.02
N VAL B 339 0.96 -26.83 3.61
CA VAL B 339 0.64 -25.42 3.77
C VAL B 339 0.47 -25.08 5.24
N THR B 340 -0.10 -26.00 6.03
CA THR B 340 -0.22 -25.76 7.47
C THR B 340 1.14 -25.71 8.14
N ASP B 341 2.06 -26.59 7.73
CA ASP B 341 3.42 -26.52 8.26
C ASP B 341 4.10 -25.23 7.88
N VAL B 342 3.88 -24.75 6.65
CA VAL B 342 4.49 -23.49 6.23
C VAL B 342 3.89 -22.32 7.00
N ILE B 343 2.60 -22.39 7.31
CA ILE B 343 1.97 -21.35 8.12
C ILE B 343 2.54 -21.35 9.53
N ILE B 344 2.79 -22.54 10.09
CA ILE B 344 3.36 -22.62 11.43
C ILE B 344 4.78 -22.04 11.43
N LYS B 345 5.59 -22.40 10.42
CA LYS B 345 6.94 -21.86 10.36
C LYS B 345 6.93 -20.35 10.13
N ASN B 346 5.98 -19.86 9.33
CA ASN B 346 5.89 -18.43 9.08
C ASN B 346 5.49 -17.68 10.34
N ASN B 347 4.57 -18.24 11.13
CA ASN B 347 4.19 -17.59 12.38
C ASN B 347 5.33 -17.63 13.38
N LEU B 348 6.07 -18.74 13.43
CA LEU B 348 7.22 -18.83 14.33
C LEU B 348 8.29 -17.81 13.96
N LYS B 349 8.53 -17.62 12.66
CA LYS B 349 9.45 -16.59 12.23
C LYS B 349 8.89 -15.20 12.51
N ASP B 350 7.57 -15.06 12.42
CA ASP B 350 6.93 -13.76 12.65
C ASP B 350 7.12 -13.32 14.08
N CYS B 351 6.69 -14.14 15.03
CA CYS B 351 6.78 -13.77 16.44
C CYS B 351 8.10 -14.21 17.07
N GLY B 352 9.20 -14.04 16.35
CA GLY B 352 10.50 -14.15 16.95
C GLY B 352 11.10 -15.54 17.17
N LEU B 353 10.26 -16.51 17.55
CA LEU B 353 10.76 -17.80 18.05
C LEU B 353 11.72 -18.51 17.09
N PHE B 354 11.32 -18.66 15.83
CA PHE B 354 12.12 -19.38 14.86
C PHE B 354 13.41 -18.65 14.54
N LEU C 9 20.76 -19.84 -49.10
CA LEU C 9 20.78 -19.53 -47.68
C LEU C 9 22.03 -18.75 -47.29
N ASP C 10 23.19 -19.28 -47.68
CA ASP C 10 24.46 -18.63 -47.34
C ASP C 10 24.58 -17.27 -48.01
N GLN C 11 24.01 -17.12 -49.22
CA GLN C 11 24.03 -15.82 -49.87
C GLN C 11 23.17 -14.82 -49.09
N LEU C 12 22.06 -15.29 -48.51
CA LEU C 12 21.20 -14.38 -47.74
C LEU C 12 21.86 -14.00 -46.42
N ARG C 13 22.53 -14.96 -45.78
CA ARG C 13 23.22 -14.66 -44.53
C ARG C 13 24.38 -13.69 -44.75
N GLN C 14 25.19 -13.93 -45.78
CA GLN C 14 26.28 -13.01 -46.07
C GLN C 14 25.76 -11.65 -46.51
N GLU C 15 24.61 -11.61 -47.19
CA GLU C 15 24.03 -10.33 -47.57
C GLU C 15 23.56 -9.57 -46.34
N ALA C 16 22.97 -10.27 -45.37
CA ALA C 16 22.57 -9.62 -44.12
C ALA C 16 23.77 -9.12 -43.35
N GLU C 17 24.88 -9.87 -43.37
CA GLU C 17 26.09 -9.42 -42.69
C GLU C 17 26.66 -8.16 -43.35
N GLN C 18 26.77 -8.18 -44.69
CA GLN C 18 27.24 -7.00 -45.40
C GLN C 18 26.32 -5.81 -45.21
N LEU C 19 25.02 -6.05 -45.08
CA LEU C 19 24.09 -4.95 -44.95
C LEU C 19 24.11 -4.37 -43.54
N LYS C 20 24.32 -5.22 -42.53
CA LYS C 20 24.57 -4.71 -41.18
C LYS C 20 25.86 -3.90 -41.11
N ASN C 21 26.90 -4.35 -41.81
CA ASN C 21 28.14 -3.58 -41.84
C ASN C 21 27.96 -2.26 -42.56
N GLN C 22 27.13 -2.25 -43.61
CA GLN C 22 26.82 -1.00 -44.30
C GLN C 22 26.07 -0.04 -43.39
N ILE C 23 25.11 -0.55 -42.62
CA ILE C 23 24.38 0.29 -41.67
C ILE C 23 25.32 0.85 -40.61
N ARG C 24 26.22 0.01 -40.09
CA ARG C 24 27.18 0.50 -39.11
C ARG C 24 28.12 1.55 -39.68
N ASP C 25 28.56 1.36 -40.93
CA ASP C 25 29.44 2.33 -41.55
C ASP C 25 28.73 3.65 -41.82
N ALA C 26 27.45 3.58 -42.21
CA ALA C 26 26.68 4.80 -42.39
C ALA C 26 26.42 5.50 -41.07
N ARG C 27 26.25 4.75 -39.99
CA ARG C 27 26.05 5.37 -38.69
C ARG C 27 27.34 5.98 -38.15
N LYS C 28 28.49 5.41 -38.51
CA LYS C 28 29.77 5.99 -38.10
C LYS C 28 30.11 7.21 -38.95
N ALA C 29 29.72 7.21 -40.22
CA ALA C 29 30.08 8.31 -41.12
C ALA C 29 29.39 9.61 -40.75
N CYS C 30 28.33 9.57 -39.95
CA CYS C 30 27.61 10.77 -39.55
C CYS C 30 27.94 11.20 -38.12
N ALA C 31 28.84 10.49 -37.44
CA ALA C 31 29.21 10.83 -36.07
C ALA C 31 30.44 11.73 -36.08
N ASP C 32 30.22 12.98 -36.45
CA ASP C 32 31.32 13.93 -36.54
C ASP C 32 31.80 14.36 -35.15
N ALA C 33 30.88 14.57 -34.22
CA ALA C 33 31.22 14.96 -32.87
C ALA C 33 30.14 14.47 -31.93
N THR C 34 30.55 14.03 -30.74
CA THR C 34 29.61 13.48 -29.78
C THR C 34 28.78 14.61 -29.15
N LEU C 35 27.80 14.23 -28.33
CA LEU C 35 26.96 15.23 -27.69
C LEU C 35 27.68 15.89 -26.51
N SER C 36 28.65 15.21 -25.92
CA SER C 36 29.45 15.84 -24.87
C SER C 36 30.32 16.96 -25.43
N GLN C 37 30.88 16.76 -26.62
CA GLN C 37 31.75 17.76 -27.22
C GLN C 37 31.02 19.01 -27.66
N ILE C 38 29.69 18.98 -27.75
CA ILE C 38 28.92 20.13 -28.19
C ILE C 38 28.08 20.73 -27.07
N THR C 39 27.61 19.92 -26.13
CA THR C 39 26.96 20.44 -24.92
C THR C 39 27.96 20.51 -23.78
N ASN C 40 29.05 21.25 -24.01
CA ASN C 40 30.05 21.49 -22.98
C ASN C 40 30.05 22.92 -22.47
N ASN C 41 29.62 23.88 -23.27
CA ASN C 41 29.50 25.27 -22.84
C ASN C 41 28.12 25.56 -22.28
N ILE C 42 27.36 24.54 -21.92
CA ILE C 42 26.07 24.71 -21.27
C ILE C 42 26.29 24.73 -19.76
N ASP C 43 25.79 25.77 -19.11
CA ASP C 43 25.88 25.83 -17.66
C ASP C 43 25.02 24.73 -17.06
N PRO C 44 25.51 23.99 -16.08
CA PRO C 44 24.76 22.83 -15.56
C PRO C 44 23.47 23.26 -14.88
N VAL C 45 22.60 22.26 -14.65
CA VAL C 45 21.33 22.51 -13.99
C VAL C 45 21.48 22.69 -12.49
N GLY C 46 22.67 22.50 -11.95
CA GLY C 46 22.88 22.63 -10.52
C GLY C 46 22.42 21.39 -9.79
N ARG C 47 22.01 21.60 -8.54
CA ARG C 47 21.47 20.53 -7.72
C ARG C 47 19.95 20.61 -7.74
N ILE C 48 19.31 19.51 -8.10
CA ILE C 48 17.86 19.43 -8.20
C ILE C 48 17.34 18.79 -6.93
N GLN C 49 16.60 19.56 -6.14
CA GLN C 49 16.04 19.11 -4.88
C GLN C 49 14.53 18.95 -5.05
N MET C 50 14.03 17.74 -4.84
CA MET C 50 12.61 17.45 -4.91
C MET C 50 12.18 16.79 -3.61
N ARG C 51 11.05 17.24 -3.08
CA ARG C 51 10.50 16.69 -1.84
C ARG C 51 9.15 16.05 -2.13
N THR C 52 8.81 15.02 -1.37
CA THR C 52 7.53 14.34 -1.55
C THR C 52 6.43 15.30 -1.13
N ARG C 53 5.72 15.86 -2.11
CA ARG C 53 4.57 16.70 -1.76
C ARG C 53 3.39 15.85 -1.32
N ARG C 54 3.15 14.74 -2.01
CA ARG C 54 2.02 13.87 -1.72
C ARG C 54 2.51 12.45 -1.52
N THR C 55 1.73 11.68 -0.79
CA THR C 55 1.99 10.25 -0.63
C THR C 55 0.64 9.55 -0.68
N LEU C 56 0.41 8.80 -1.74
CA LEU C 56 -0.89 8.20 -2.02
C LEU C 56 -0.91 6.78 -1.48
N ARG C 57 -1.56 6.59 -0.34
CA ARG C 57 -1.68 5.29 0.29
C ARG C 57 -3.03 4.66 -0.06
N GLY C 58 -3.06 3.34 -0.10
CA GLY C 58 -4.30 2.66 -0.41
C GLY C 58 -4.12 1.38 -1.20
N HIS C 59 -2.99 1.21 -1.86
CA HIS C 59 -2.68 -0.06 -2.48
C HIS C 59 -2.11 -1.00 -1.43
N LEU C 60 -2.44 -2.28 -1.54
CA LEU C 60 -2.02 -3.27 -0.55
C LEU C 60 -1.07 -4.29 -1.14
N ALA C 61 -0.44 -3.99 -2.27
CA ALA C 61 0.52 -4.88 -2.90
C ALA C 61 1.42 -4.06 -3.80
N LYS C 62 2.34 -4.73 -4.47
CA LYS C 62 3.32 -4.04 -5.29
C LYS C 62 2.65 -3.30 -6.44
N ILE C 63 2.94 -2.01 -6.55
CA ILE C 63 2.43 -1.18 -7.64
C ILE C 63 3.29 -1.42 -8.87
N TYR C 64 2.64 -1.79 -9.98
CA TYR C 64 3.38 -2.20 -11.16
C TYR C 64 3.40 -1.15 -12.26
N ALA C 65 2.45 -0.22 -12.29
CA ALA C 65 2.49 0.84 -13.28
C ALA C 65 1.60 1.99 -12.83
N MET C 66 1.84 3.15 -13.44
CA MET C 66 0.99 4.31 -13.27
C MET C 66 1.00 5.09 -14.57
N HIS C 67 0.08 6.06 -14.67
CA HIS C 67 0.02 6.92 -15.83
C HIS C 67 -0.78 8.16 -15.46
N TRP C 68 -0.25 9.33 -15.79
CA TRP C 68 -0.93 10.58 -15.51
C TRP C 68 -2.05 10.81 -16.50
N GLY C 69 -3.08 11.51 -16.05
CA GLY C 69 -4.05 12.05 -16.98
C GLY C 69 -3.49 13.22 -17.74
N THR C 70 -4.14 13.57 -18.84
CA THR C 70 -3.68 14.70 -19.63
C THR C 70 -4.01 16.05 -18.99
N ASP C 71 -4.84 16.07 -17.96
CA ASP C 71 -5.10 17.30 -17.22
C ASP C 71 -4.12 17.49 -16.08
N SER C 72 -3.08 16.64 -16.00
CA SER C 72 -1.99 16.74 -15.05
C SER C 72 -2.46 16.69 -13.60
N ARG C 73 -3.63 16.12 -13.36
CA ARG C 73 -4.19 16.06 -12.02
C ARG C 73 -4.60 14.65 -11.61
N LEU C 74 -5.21 13.89 -12.52
CA LEU C 74 -5.72 12.57 -12.21
C LEU C 74 -4.69 11.51 -12.58
N LEU C 75 -4.48 10.56 -11.68
CA LEU C 75 -3.62 9.42 -11.93
C LEU C 75 -4.44 8.20 -12.27
N VAL C 76 -3.71 7.11 -12.50
CA VAL C 76 -4.25 5.76 -12.44
C VAL C 76 -3.09 4.87 -12.08
N SER C 77 -3.29 3.94 -11.16
CA SER C 77 -2.19 3.10 -10.72
C SER C 77 -2.68 1.67 -10.60
N ALA C 78 -1.86 0.75 -11.09
CA ALA C 78 -2.20 -0.67 -11.10
C ALA C 78 -1.27 -1.41 -10.16
N SER C 79 -1.84 -2.08 -9.18
CA SER C 79 -1.08 -2.93 -8.29
C SER C 79 -1.65 -4.34 -8.34
N GLN C 80 -0.90 -5.29 -7.82
CA GLN C 80 -1.27 -6.70 -7.93
C GLN C 80 -2.15 -7.17 -6.79
N ASP C 81 -2.85 -6.26 -6.12
CA ASP C 81 -3.99 -6.62 -5.32
C ASP C 81 -5.28 -6.63 -6.13
N GLY C 82 -5.17 -6.42 -7.44
CA GLY C 82 -6.34 -6.45 -8.30
C GLY C 82 -7.11 -5.16 -8.37
N LYS C 83 -6.47 -4.03 -8.11
CA LYS C 83 -7.15 -2.76 -8.03
C LYS C 83 -6.52 -1.76 -8.97
N LEU C 84 -7.34 -1.12 -9.79
CA LEU C 84 -6.98 0.11 -10.47
C LEU C 84 -7.57 1.27 -9.68
N ILE C 85 -6.73 2.13 -9.14
CA ILE C 85 -7.17 3.27 -8.35
C ILE C 85 -6.88 4.53 -9.14
N ILE C 86 -7.85 5.43 -9.19
CA ILE C 86 -7.72 6.69 -9.91
C ILE C 86 -7.66 7.79 -8.86
N TRP C 87 -6.48 8.34 -8.65
CA TRP C 87 -6.26 9.32 -7.60
C TRP C 87 -6.52 10.73 -8.12
N ASP C 88 -6.91 11.60 -7.21
CA ASP C 88 -6.90 13.04 -7.43
C ASP C 88 -5.63 13.52 -6.74
N SER C 89 -4.58 13.78 -7.53
CA SER C 89 -3.27 14.02 -6.96
C SER C 89 -3.18 15.30 -6.17
N TYR C 90 -4.09 16.27 -6.39
CA TYR C 90 -4.01 17.51 -5.63
C TYR C 90 -4.50 17.32 -4.20
N THR C 91 -5.47 16.44 -4.00
CA THR C 91 -6.08 16.25 -2.68
C THR C 91 -5.96 14.83 -2.15
N THR C 92 -5.26 13.95 -2.84
CA THR C 92 -5.08 12.52 -2.51
C THR C 92 -6.37 11.74 -2.44
N ASN C 93 -7.47 12.28 -2.95
CA ASN C 93 -8.72 11.53 -2.96
C ASN C 93 -8.66 10.41 -3.99
N LYS C 94 -9.35 9.32 -3.69
CA LYS C 94 -9.51 8.23 -4.64
C LYS C 94 -10.82 8.45 -5.39
N VAL C 95 -10.71 8.77 -6.68
CA VAL C 95 -11.92 9.01 -7.47
C VAL C 95 -12.62 7.69 -7.75
N HIS C 96 -11.88 6.68 -8.19
CA HIS C 96 -12.45 5.37 -8.45
C HIS C 96 -11.49 4.30 -7.93
N ALA C 97 -12.04 3.13 -7.66
CA ALA C 97 -11.25 1.94 -7.32
C ALA C 97 -11.84 0.79 -8.12
N ILE C 98 -11.18 0.42 -9.21
CA ILE C 98 -11.72 -0.54 -10.16
C ILE C 98 -11.20 -1.92 -9.76
N PRO C 99 -12.06 -2.90 -9.49
CA PRO C 99 -11.59 -4.26 -9.20
C PRO C 99 -11.33 -5.02 -10.49
N LEU C 100 -10.12 -5.51 -10.65
CA LEU C 100 -9.74 -6.20 -11.88
C LEU C 100 -10.18 -7.65 -11.84
N ARG C 101 -10.50 -8.18 -13.01
CA ARG C 101 -10.87 -9.59 -13.10
C ARG C 101 -9.67 -10.50 -12.87
N SER C 102 -8.48 -10.05 -13.25
CA SER C 102 -7.25 -10.78 -13.01
C SER C 102 -6.29 -9.87 -12.27
N SER C 103 -5.91 -10.27 -11.05
CA SER C 103 -5.06 -9.42 -10.23
C SER C 103 -3.62 -9.36 -10.71
N TRP C 104 -3.25 -10.11 -11.74
CA TRP C 104 -1.88 -10.10 -12.25
C TRP C 104 -1.78 -9.06 -13.35
N VAL C 105 -1.74 -7.80 -12.93
CA VAL C 105 -1.69 -6.67 -13.85
C VAL C 105 -0.26 -6.16 -13.89
N MET C 106 0.22 -5.82 -15.09
CA MET C 106 1.57 -5.35 -15.27
C MET C 106 1.65 -3.98 -15.91
N THR C 107 0.53 -3.38 -16.30
CA THR C 107 0.55 -2.07 -16.92
C THR C 107 -0.81 -1.42 -16.76
N CYS C 108 -0.83 -0.10 -16.94
CA CYS C 108 -2.07 0.65 -17.01
C CYS C 108 -1.85 1.86 -17.90
N ALA C 109 -2.96 2.49 -18.29
CA ALA C 109 -2.89 3.63 -19.20
C ALA C 109 -4.14 4.45 -19.01
N TYR C 110 -4.00 5.77 -18.99
CA TYR C 110 -5.11 6.69 -18.85
C TYR C 110 -5.30 7.34 -20.22
N ALA C 111 -6.53 7.28 -20.73
CA ALA C 111 -6.79 7.81 -22.06
C ALA C 111 -6.55 9.31 -22.11
N PRO C 112 -6.11 9.85 -23.26
CA PRO C 112 -5.83 11.30 -23.33
C PRO C 112 -7.07 12.16 -23.20
N SER C 113 -8.27 11.60 -23.35
CA SER C 113 -9.49 12.34 -23.14
C SER C 113 -10.06 12.15 -21.74
N GLY C 114 -9.54 11.20 -20.97
CA GLY C 114 -10.00 10.96 -19.63
C GLY C 114 -11.18 10.02 -19.51
N ASN C 115 -11.73 9.53 -20.62
CA ASN C 115 -12.92 8.71 -20.55
C ASN C 115 -12.62 7.26 -20.22
N TYR C 116 -11.44 6.76 -20.56
CA TYR C 116 -11.14 5.34 -20.44
C TYR C 116 -9.83 5.13 -19.71
N VAL C 117 -9.70 3.95 -19.10
CA VAL C 117 -8.43 3.43 -18.66
C VAL C 117 -8.29 2.03 -19.23
N ALA C 118 -7.04 1.57 -19.31
CA ALA C 118 -6.77 0.23 -19.78
C ALA C 118 -5.75 -0.40 -18.87
N CYS C 119 -5.78 -1.73 -18.79
CA CYS C 119 -4.81 -2.45 -17.98
C CYS C 119 -4.72 -3.88 -18.50
N GLY C 120 -3.56 -4.49 -18.25
CA GLY C 120 -3.35 -5.87 -18.67
C GLY C 120 -2.15 -6.43 -17.96
N GLY C 121 -1.97 -7.73 -18.12
CA GLY C 121 -0.88 -8.39 -17.44
C GLY C 121 -0.70 -9.83 -17.85
N LEU C 122 -0.51 -10.73 -16.89
CA LEU C 122 -0.30 -12.14 -17.19
C LEU C 122 -1.52 -12.82 -17.78
N ASP C 123 -2.67 -12.17 -17.82
CA ASP C 123 -3.86 -12.76 -18.40
C ASP C 123 -3.93 -12.59 -19.92
N ASN C 124 -2.95 -11.90 -20.50
CA ASN C 124 -2.76 -11.66 -21.94
C ASN C 124 -3.81 -10.77 -22.56
N ILE C 125 -4.82 -10.32 -21.83
CA ILE C 125 -5.87 -9.47 -22.38
C ILE C 125 -5.67 -8.06 -21.87
N CYS C 126 -6.06 -7.09 -22.69
CA CYS C 126 -6.00 -5.68 -22.35
C CYS C 126 -7.42 -5.19 -22.13
N SER C 127 -7.86 -5.19 -20.87
CA SER C 127 -9.19 -4.73 -20.54
C SER C 127 -9.25 -3.22 -20.61
N ILE C 128 -10.36 -2.69 -21.08
CA ILE C 128 -10.55 -1.25 -21.25
C ILE C 128 -11.79 -0.84 -20.47
N TYR C 129 -11.61 -0.01 -19.45
CA TYR C 129 -12.68 0.36 -18.54
C TYR C 129 -13.25 1.72 -18.91
N ASN C 130 -14.56 1.82 -18.88
CA ASN C 130 -15.25 3.07 -19.22
C ASN C 130 -15.55 3.82 -17.93
N LEU C 131 -14.97 5.01 -17.79
CA LEU C 131 -15.06 5.75 -16.54
C LEU C 131 -16.31 6.60 -16.45
N LYS C 132 -16.74 7.21 -17.55
CA LYS C 132 -17.85 8.17 -17.52
C LYS C 132 -19.08 7.48 -18.10
N THR C 133 -19.78 6.74 -17.24
CA THR C 133 -21.00 6.03 -17.59
C THR C 133 -22.21 6.74 -17.01
N ARG C 134 -23.39 6.29 -17.42
CA ARG C 134 -24.62 6.86 -16.89
C ARG C 134 -25.04 6.21 -15.58
N GLU C 135 -24.71 4.95 -15.36
CA GLU C 135 -25.05 4.28 -14.13
C GLU C 135 -23.99 4.43 -13.05
N GLY C 136 -23.04 5.33 -13.23
CA GLY C 136 -22.21 5.80 -12.13
C GLY C 136 -21.12 4.88 -11.65
N ASN C 137 -20.95 3.70 -12.24
CA ASN C 137 -19.83 2.84 -11.89
C ASN C 137 -18.94 2.65 -13.12
N VAL C 138 -17.80 2.02 -12.89
CA VAL C 138 -16.81 1.77 -13.93
C VAL C 138 -16.94 0.32 -14.37
N ARG C 139 -17.29 0.10 -15.63
CA ARG C 139 -17.49 -1.24 -16.15
C ARG C 139 -16.55 -1.50 -17.32
N VAL C 140 -16.26 -2.78 -17.55
CA VAL C 140 -15.34 -3.18 -18.60
C VAL C 140 -15.98 -2.92 -19.95
N SER C 141 -15.41 -2.00 -20.71
CA SER C 141 -15.94 -1.71 -22.03
C SER C 141 -15.50 -2.75 -23.04
N ARG C 142 -14.23 -3.17 -22.98
CA ARG C 142 -13.69 -4.13 -23.93
C ARG C 142 -12.66 -5.00 -23.25
N GLU C 143 -12.47 -6.20 -23.78
CA GLU C 143 -11.40 -7.09 -23.37
C GLU C 143 -10.69 -7.55 -24.63
N LEU C 144 -9.60 -6.87 -24.95
CA LEU C 144 -8.88 -7.12 -26.19
C LEU C 144 -8.01 -8.35 -26.03
N ALA C 145 -8.40 -9.45 -26.65
CA ALA C 145 -7.66 -10.70 -26.61
C ALA C 145 -7.02 -10.97 -27.97
N GLY C 146 -5.94 -11.74 -27.95
CA GLY C 146 -5.22 -12.04 -29.16
C GLY C 146 -3.73 -12.17 -28.97
N HIS C 147 -3.21 -11.62 -27.89
CA HIS C 147 -1.82 -11.86 -27.53
C HIS C 147 -1.70 -13.24 -26.91
N THR C 148 -0.53 -13.86 -27.10
CA THR C 148 -0.28 -15.17 -26.51
C THR C 148 0.73 -15.14 -25.38
N GLY C 149 1.21 -13.95 -25.01
CA GLY C 149 2.08 -13.79 -23.87
C GLY C 149 1.58 -12.66 -22.99
N TYR C 150 2.28 -12.44 -21.89
CA TYR C 150 1.88 -11.38 -20.97
C TYR C 150 1.96 -10.03 -21.67
N LEU C 151 1.04 -9.14 -21.31
CA LEU C 151 0.96 -7.82 -21.92
C LEU C 151 1.69 -6.84 -21.01
N SER C 152 2.73 -6.21 -21.54
CA SER C 152 3.69 -5.47 -20.72
C SER C 152 3.44 -3.97 -20.72
N CYS C 153 2.90 -3.41 -21.80
CA CYS C 153 2.62 -1.98 -21.83
C CYS C 153 1.51 -1.73 -22.83
N CYS C 154 0.81 -0.62 -22.62
CA CYS C 154 -0.29 -0.24 -23.50
C CYS C 154 -0.45 1.27 -23.40
N ARG C 155 -0.66 1.92 -24.54
CA ARG C 155 -0.88 3.35 -24.59
C ARG C 155 -2.05 3.66 -25.51
N PHE C 156 -2.83 4.65 -25.14
CA PHE C 156 -3.96 5.07 -25.95
C PHE C 156 -3.52 6.04 -27.02
N LEU C 157 -4.05 5.86 -28.23
CA LEU C 157 -3.92 6.87 -29.27
C LEU C 157 -5.06 7.89 -29.16
N ASP C 158 -6.28 7.39 -29.12
CA ASP C 158 -7.47 8.19 -28.87
C ASP C 158 -8.45 7.27 -28.15
N ASP C 159 -9.73 7.65 -28.14
CA ASP C 159 -10.71 6.82 -27.45
C ASP C 159 -11.02 5.53 -28.19
N ASN C 160 -10.51 5.34 -29.41
CA ASN C 160 -10.84 4.16 -30.19
C ASN C 160 -9.65 3.32 -30.59
N GLN C 161 -8.43 3.80 -30.44
CA GLN C 161 -7.24 3.04 -30.83
C GLN C 161 -6.28 2.97 -29.65
N ILE C 162 -5.81 1.77 -29.35
CA ILE C 162 -4.82 1.54 -28.31
C ILE C 162 -3.76 0.61 -28.86
N VAL C 163 -2.50 0.92 -28.61
CA VAL C 163 -1.38 0.09 -29.05
C VAL C 163 -0.79 -0.60 -27.83
N THR C 164 -0.64 -1.92 -27.92
CA THR C 164 -0.14 -2.73 -26.81
C THR C 164 1.16 -3.39 -27.20
N SER C 165 1.89 -3.86 -26.20
CA SER C 165 3.14 -4.58 -26.42
C SER C 165 3.19 -5.75 -25.46
N SER C 166 3.41 -6.94 -25.98
CA SER C 166 3.31 -8.14 -25.18
C SER C 166 4.64 -8.89 -25.16
N GLY C 167 4.64 -10.04 -24.49
CA GLY C 167 5.80 -10.91 -24.48
C GLY C 167 5.75 -11.92 -25.60
N ASP C 168 4.96 -11.63 -26.63
CA ASP C 168 4.93 -12.43 -27.84
C ASP C 168 6.00 -12.01 -28.83
N THR C 169 6.96 -11.18 -28.39
CA THR C 169 7.92 -10.53 -29.26
C THR C 169 7.23 -9.68 -30.33
N THR C 170 6.05 -9.15 -30.01
CA THR C 170 5.30 -8.36 -30.97
C THR C 170 4.49 -7.30 -30.26
N CYS C 171 4.22 -6.21 -30.98
CA CYS C 171 3.27 -5.19 -30.59
C CYS C 171 2.10 -5.21 -31.54
N ALA C 172 0.99 -4.62 -31.11
CA ALA C 172 -0.22 -4.65 -31.92
C ALA C 172 -0.99 -3.36 -31.73
N LEU C 173 -1.74 -2.99 -32.76
CA LEU C 173 -2.60 -1.81 -32.73
C LEU C 173 -4.03 -2.28 -32.82
N TRP C 174 -4.83 -1.95 -31.80
CA TRP C 174 -6.19 -2.46 -31.69
C TRP C 174 -7.20 -1.40 -32.11
N ASP C 175 -8.40 -1.87 -32.45
CA ASP C 175 -9.56 -1.03 -32.63
C ASP C 175 -10.53 -1.39 -31.52
N ILE C 176 -10.75 -0.45 -30.59
CA ILE C 176 -11.54 -0.75 -29.40
C ILE C 176 -12.98 -1.06 -29.78
N GLU C 177 -13.52 -0.36 -30.78
CA GLU C 177 -14.93 -0.52 -31.13
C GLU C 177 -15.21 -1.92 -31.65
N THR C 178 -14.34 -2.45 -32.50
CA THR C 178 -14.51 -3.81 -32.99
C THR C 178 -13.92 -4.83 -32.04
N GLY C 179 -12.72 -4.57 -31.53
CA GLY C 179 -12.07 -5.46 -30.60
C GLY C 179 -11.02 -6.37 -31.18
N GLN C 180 -10.52 -6.07 -32.38
CA GLN C 180 -9.56 -6.93 -33.05
C GLN C 180 -8.42 -6.09 -33.60
N GLN C 181 -7.24 -6.70 -33.70
CA GLN C 181 -6.05 -5.99 -34.13
C GLN C 181 -6.17 -5.54 -35.58
N THR C 182 -5.90 -4.27 -35.83
CA THR C 182 -5.83 -3.78 -37.19
C THR C 182 -4.41 -3.80 -37.73
N THR C 183 -3.41 -3.90 -36.85
CA THR C 183 -2.01 -3.92 -37.26
C THR C 183 -1.23 -4.70 -36.22
N THR C 184 -0.34 -5.57 -36.67
CA THR C 184 0.53 -6.33 -35.79
C THR C 184 1.97 -6.00 -36.15
N PHE C 185 2.69 -5.39 -35.20
CA PHE C 185 4.08 -4.98 -35.42
C PHE C 185 4.98 -6.12 -34.97
N THR C 186 5.52 -6.87 -35.94
CA THR C 186 6.44 -7.95 -35.66
C THR C 186 7.84 -7.55 -36.09
N GLY C 187 8.83 -8.23 -35.53
CA GLY C 187 10.21 -7.92 -35.86
C GLY C 187 11.16 -8.06 -34.69
N HIS C 188 10.63 -8.04 -33.47
CA HIS C 188 11.48 -8.25 -32.32
C HIS C 188 11.82 -9.73 -32.17
N THR C 189 12.80 -10.00 -31.31
CA THR C 189 13.22 -11.36 -31.03
C THR C 189 13.14 -11.71 -29.55
N GLY C 190 12.73 -10.78 -28.70
CA GLY C 190 12.53 -11.05 -27.29
C GLY C 190 11.26 -10.37 -26.81
N ASP C 191 10.97 -10.57 -25.53
CA ASP C 191 9.76 -10.00 -24.95
C ASP C 191 9.80 -8.48 -25.01
N VAL C 192 8.81 -7.88 -25.66
CA VAL C 192 8.70 -6.43 -25.73
C VAL C 192 8.24 -5.92 -24.38
N MET C 193 9.07 -5.12 -23.72
CA MET C 193 8.84 -4.77 -22.34
C MET C 193 8.19 -3.41 -22.14
N SER C 194 8.26 -2.52 -23.13
CA SER C 194 7.70 -1.18 -22.97
C SER C 194 7.63 -0.52 -24.33
N LEU C 195 6.74 0.47 -24.43
CA LEU C 195 6.62 1.28 -25.63
C LEU C 195 6.38 2.72 -25.22
N SER C 196 6.46 3.62 -26.20
CA SER C 196 6.25 5.04 -25.95
C SER C 196 5.76 5.70 -27.23
N LEU C 197 4.66 6.43 -27.13
CA LEU C 197 4.05 7.07 -28.28
C LEU C 197 4.66 8.43 -28.58
N ALA C 198 4.72 8.76 -29.86
CA ALA C 198 5.16 10.07 -30.27
C ALA C 198 4.15 11.14 -29.86
N PRO C 199 4.60 12.38 -29.65
CA PRO C 199 3.65 13.47 -29.37
C PRO C 199 2.61 13.67 -30.48
N ASP C 200 3.01 13.53 -31.74
CA ASP C 200 2.03 13.57 -32.83
C ASP C 200 1.36 12.23 -33.06
N THR C 201 1.75 11.20 -32.30
CA THR C 201 1.11 9.87 -32.33
C THR C 201 1.13 9.24 -33.72
N ARG C 202 2.13 9.55 -34.53
CA ARG C 202 2.31 8.88 -35.81
C ARG C 202 3.31 7.74 -35.73
N LEU C 203 4.23 7.79 -34.78
CA LEU C 203 5.24 6.76 -34.59
C LEU C 203 5.25 6.33 -33.13
N PHE C 204 5.87 5.18 -32.88
CA PHE C 204 6.17 4.80 -31.52
C PHE C 204 7.35 3.86 -31.53
N VAL C 205 8.08 3.85 -30.42
CA VAL C 205 9.22 2.97 -30.25
C VAL C 205 8.86 1.92 -29.22
N SER C 206 9.51 0.77 -29.32
CA SER C 206 9.29 -0.31 -28.38
C SER C 206 10.62 -0.95 -28.01
N GLY C 207 10.85 -1.14 -26.72
CA GLY C 207 12.06 -1.76 -26.23
C GLY C 207 11.79 -3.17 -25.78
N ALA C 208 12.57 -4.12 -26.31
CA ALA C 208 12.32 -5.52 -26.09
C ALA C 208 13.45 -6.17 -25.32
N CYS C 209 13.27 -7.47 -25.04
CA CYS C 209 14.30 -8.22 -24.33
C CYS C 209 15.30 -8.82 -25.30
N ASP C 210 15.82 -7.99 -26.20
CA ASP C 210 16.95 -8.38 -27.04
C ASP C 210 17.88 -7.20 -27.25
N ALA C 211 17.84 -6.22 -26.34
CA ALA C 211 18.74 -5.07 -26.33
C ALA C 211 18.59 -4.23 -27.59
N SER C 212 17.38 -4.13 -28.10
CA SER C 212 17.15 -3.35 -29.30
C SER C 212 15.80 -2.67 -29.23
N ALA C 213 15.77 -1.36 -29.45
CA ALA C 213 14.54 -0.61 -29.61
C ALA C 213 14.28 -0.38 -31.09
N LYS C 214 13.03 -0.54 -31.49
CA LYS C 214 12.65 -0.37 -32.88
C LYS C 214 11.63 0.76 -33.00
N LEU C 215 11.77 1.55 -34.04
CA LEU C 215 10.88 2.67 -34.31
C LEU C 215 9.85 2.23 -35.34
N TRP C 216 8.59 2.16 -34.93
CA TRP C 216 7.51 1.67 -35.77
C TRP C 216 6.72 2.82 -36.36
N ASP C 217 6.05 2.55 -37.46
CA ASP C 217 5.12 3.48 -38.06
C ASP C 217 3.70 2.98 -37.81
N VAL C 218 2.85 3.85 -37.26
CA VAL C 218 1.52 3.41 -36.85
C VAL C 218 0.62 3.20 -38.04
N ARG C 219 0.64 4.12 -39.01
CA ARG C 219 -0.25 4.01 -40.16
C ARG C 219 0.17 2.93 -41.14
N GLU C 220 1.43 2.50 -41.11
CA GLU C 220 1.93 1.52 -42.06
C GLU C 220 2.18 0.16 -41.46
N GLY C 221 2.70 0.08 -40.25
CA GLY C 221 2.98 -1.19 -39.62
C GLY C 221 4.38 -1.71 -39.84
N MET C 222 5.28 -0.91 -40.40
CA MET C 222 6.64 -1.32 -40.67
C MET C 222 7.59 -0.74 -39.64
N CYS C 223 8.72 -1.41 -39.45
CA CYS C 223 9.75 -0.95 -38.54
C CYS C 223 10.69 -0.02 -39.30
N ARG C 224 10.63 1.27 -39.01
CA ARG C 224 11.49 2.23 -39.70
C ARG C 224 12.95 1.98 -39.39
N GLN C 225 13.35 2.12 -38.13
CA GLN C 225 14.74 2.03 -37.73
C GLN C 225 14.88 1.07 -36.56
N THR C 226 16.11 0.64 -36.32
CA THR C 226 16.43 -0.25 -35.21
C THR C 226 17.66 0.28 -34.50
N PHE C 227 17.60 0.32 -33.17
CA PHE C 227 18.65 0.92 -32.36
C PHE C 227 19.22 -0.12 -31.42
N THR C 228 20.47 -0.48 -31.62
CA THR C 228 21.18 -1.41 -30.77
C THR C 228 22.19 -0.62 -29.94
N GLY C 229 22.73 -1.27 -28.91
CA GLY C 229 23.73 -0.61 -28.09
C GLY C 229 23.69 -1.04 -26.64
N HIS C 230 22.54 -1.51 -26.18
CA HIS C 230 22.44 -1.98 -24.81
C HIS C 230 23.07 -3.35 -24.67
N GLU C 231 23.58 -3.63 -23.47
CA GLU C 231 24.17 -4.94 -23.20
C GLU C 231 23.14 -5.93 -22.69
N SER C 232 22.00 -5.48 -22.20
CA SER C 232 20.97 -6.35 -21.68
C SER C 232 19.63 -5.85 -22.17
N ASP C 233 18.56 -6.43 -21.65
CA ASP C 233 17.22 -6.12 -22.10
C ASP C 233 16.80 -4.72 -21.66
N ILE C 234 15.82 -4.17 -22.38
CA ILE C 234 15.34 -2.81 -22.16
C ILE C 234 14.02 -2.88 -21.43
N ASN C 235 13.98 -2.37 -20.20
CA ASN C 235 12.79 -2.44 -19.39
C ASN C 235 11.89 -1.22 -19.52
N ALA C 236 12.37 -0.13 -20.11
CA ALA C 236 11.58 1.09 -20.17
C ALA C 236 12.11 1.98 -21.27
N ILE C 237 11.21 2.83 -21.79
CA ILE C 237 11.56 3.69 -22.91
C ILE C 237 10.60 4.88 -22.94
N CYS C 238 11.12 6.08 -23.19
CA CYS C 238 10.31 7.29 -23.26
C CYS C 238 10.84 8.18 -24.37
N PHE C 239 9.99 9.07 -24.87
CA PHE C 239 10.36 10.04 -25.90
C PHE C 239 10.85 11.35 -25.30
N PHE C 240 11.85 11.92 -25.92
CA PHE C 240 12.12 13.34 -25.78
C PHE C 240 10.90 14.12 -26.23
N PRO C 241 10.57 15.23 -25.57
CA PRO C 241 9.36 15.99 -25.97
C PRO C 241 9.41 16.51 -27.39
N ASN C 242 10.61 16.67 -27.96
CA ASN C 242 10.74 17.14 -29.33
C ASN C 242 10.14 16.16 -30.32
N GLY C 243 10.11 14.87 -29.96
CA GLY C 243 9.55 13.85 -30.82
C GLY C 243 10.55 13.17 -31.74
N ASN C 244 11.83 13.53 -31.66
CA ASN C 244 12.84 12.94 -32.53
C ASN C 244 14.09 12.57 -31.74
N ALA C 245 13.88 12.00 -30.56
CA ALA C 245 14.91 11.38 -29.72
C ALA C 245 14.20 10.60 -28.64
N PHE C 246 14.89 9.60 -28.09
CA PHE C 246 14.26 8.85 -27.02
C PHE C 246 15.32 8.24 -26.12
N ALA C 247 14.92 7.99 -24.88
CA ALA C 247 15.77 7.38 -23.87
C ALA C 247 15.27 5.99 -23.56
N THR C 248 16.20 5.07 -23.34
CA THR C 248 15.89 3.69 -22.98
C THR C 248 16.51 3.37 -21.63
N GLY C 249 15.80 2.62 -20.82
CA GLY C 249 16.31 2.12 -19.55
C GLY C 249 16.49 0.61 -19.65
N SER C 250 17.69 0.16 -19.33
CA SER C 250 18.03 -1.25 -19.46
C SER C 250 18.34 -1.86 -18.10
N ASP C 251 18.62 -3.16 -18.13
CA ASP C 251 18.95 -3.91 -16.93
C ASP C 251 20.44 -3.93 -16.66
N ASP C 252 21.24 -3.22 -17.46
CA ASP C 252 22.67 -3.09 -17.23
C ASP C 252 23.03 -1.77 -16.57
N ALA C 253 22.09 -1.16 -15.84
CA ALA C 253 22.28 0.08 -15.10
C ALA C 253 22.75 1.21 -16.02
N THR C 254 21.99 1.43 -17.08
CA THR C 254 22.42 2.38 -18.10
C THR C 254 21.21 2.92 -18.84
N CYS C 255 21.03 4.23 -18.81
CA CYS C 255 20.14 4.91 -19.73
C CYS C 255 20.94 5.36 -20.94
N ARG C 256 20.32 5.29 -22.11
CA ARG C 256 20.94 5.77 -23.34
C ARG C 256 19.95 6.61 -24.11
N LEU C 257 20.44 7.67 -24.72
CA LEU C 257 19.61 8.62 -25.46
C LEU C 257 19.89 8.43 -26.95
N PHE C 258 18.97 7.77 -27.64
CA PHE C 258 19.09 7.59 -29.08
C PHE C 258 18.43 8.75 -29.80
N ASP C 259 18.82 8.95 -31.06
CA ASP C 259 18.24 9.98 -31.90
C ASP C 259 17.68 9.36 -33.15
N LEU C 260 16.49 9.82 -33.55
CA LEU C 260 15.82 9.24 -34.70
C LEU C 260 16.48 9.66 -36.00
N ARG C 261 16.82 10.95 -36.14
CA ARG C 261 17.35 11.43 -37.41
C ARG C 261 18.80 11.05 -37.60
N ALA C 262 19.61 11.09 -36.54
CA ALA C 262 20.98 10.62 -36.63
C ALA C 262 21.07 9.10 -36.63
N ASP C 263 20.00 8.42 -36.20
CA ASP C 263 19.88 6.95 -36.29
C ASP C 263 20.96 6.24 -35.47
N GLN C 264 21.35 6.82 -34.35
CA GLN C 264 22.36 6.19 -33.51
C GLN C 264 22.27 6.71 -32.09
N GLU C 265 23.07 6.11 -31.23
CA GLU C 265 23.13 6.50 -29.82
C GLU C 265 23.91 7.79 -29.66
N LEU C 266 23.36 8.72 -28.87
CA LEU C 266 24.00 10.01 -28.64
C LEU C 266 24.76 10.08 -27.33
N MET C 267 24.25 9.44 -26.28
CA MET C 267 24.81 9.62 -24.95
C MET C 267 24.34 8.48 -24.07
N THR C 268 25.22 8.05 -23.16
CA THR C 268 24.92 7.00 -22.21
C THR C 268 24.97 7.56 -20.79
N TYR C 269 23.93 7.28 -20.02
CA TYR C 269 23.81 7.76 -18.65
C TYR C 269 24.09 6.58 -17.74
N SER C 270 25.30 6.53 -17.19
CA SER C 270 25.70 5.44 -16.32
C SER C 270 26.57 5.98 -15.20
N HIS C 271 26.72 5.17 -14.16
CA HIS C 271 27.53 5.54 -13.01
C HIS C 271 28.11 4.27 -12.42
N ASP C 272 29.39 4.31 -12.06
CA ASP C 272 30.06 3.14 -11.51
C ASP C 272 29.45 2.69 -10.19
N ASN C 273 28.81 3.60 -9.46
CA ASN C 273 28.13 3.23 -8.23
C ASN C 273 26.86 2.44 -8.49
N ILE C 274 26.27 2.57 -9.67
CA ILE C 274 24.98 1.95 -9.97
C ILE C 274 25.22 0.63 -10.67
N ILE C 275 24.69 -0.44 -10.08
CA ILE C 275 24.80 -1.78 -10.64
C ILE C 275 23.44 -2.44 -10.81
N CYS C 276 22.36 -1.74 -10.51
CA CYS C 276 21.02 -2.29 -10.53
C CYS C 276 20.30 -1.88 -11.81
N GLY C 277 19.35 -2.70 -12.23
CA GLY C 277 18.62 -2.42 -13.45
C GLY C 277 17.72 -1.21 -13.32
N ILE C 278 17.22 -0.76 -14.47
CA ILE C 278 16.38 0.42 -14.58
C ILE C 278 14.98 -0.02 -14.94
N THR C 279 14.00 0.44 -14.17
CA THR C 279 12.63 -0.01 -14.36
C THR C 279 11.75 1.00 -15.07
N SER C 280 12.09 2.28 -15.06
CA SER C 280 11.23 3.29 -15.65
C SER C 280 12.07 4.52 -15.96
N VAL C 281 11.85 5.10 -17.14
CA VAL C 281 12.47 6.36 -17.49
C VAL C 281 11.37 7.33 -17.91
N SER C 282 11.67 8.61 -17.81
CA SER C 282 10.76 9.66 -18.23
C SER C 282 11.52 10.97 -18.31
N PHE C 283 11.29 11.72 -19.39
CA PHE C 283 11.91 13.02 -19.52
C PHE C 283 11.12 14.06 -18.75
N SER C 284 11.73 15.22 -18.55
CA SER C 284 10.99 16.35 -18.00
C SER C 284 10.20 17.03 -19.12
N LYS C 285 9.58 18.17 -18.80
CA LYS C 285 8.74 18.83 -19.79
C LYS C 285 9.57 19.43 -20.91
N SER C 286 10.66 20.10 -20.57
CA SER C 286 11.54 20.67 -21.58
C SER C 286 12.54 19.68 -22.13
N GLY C 287 12.65 18.50 -21.54
CA GLY C 287 13.60 17.51 -21.97
C GLY C 287 14.98 17.67 -21.38
N ARG C 288 15.19 18.66 -20.51
CA ARG C 288 16.52 18.84 -19.94
C ARG C 288 16.84 17.77 -18.91
N LEU C 289 15.84 17.27 -18.21
CA LEU C 289 16.03 16.27 -17.17
C LEU C 289 15.54 14.92 -17.65
N LEU C 290 16.28 13.87 -17.29
CA LEU C 290 15.90 12.49 -17.60
C LEU C 290 15.82 11.76 -16.28
N LEU C 291 14.60 11.59 -15.77
CA LEU C 291 14.40 10.83 -14.55
C LEU C 291 14.43 9.34 -14.86
N ALA C 292 14.92 8.55 -13.92
CA ALA C 292 15.04 7.12 -14.13
C ALA C 292 14.88 6.40 -12.81
N GLY C 293 13.93 5.47 -12.73
CA GLY C 293 13.75 4.67 -11.54
C GLY C 293 14.62 3.43 -11.60
N TYR C 294 15.20 3.07 -10.47
CA TYR C 294 16.17 1.99 -10.41
C TYR C 294 15.67 0.88 -9.50
N ASP C 295 16.42 -0.22 -9.49
CA ASP C 295 16.12 -1.33 -8.60
C ASP C 295 16.61 -1.10 -7.18
N ASP C 296 17.55 -0.18 -6.97
CA ASP C 296 18.07 0.06 -5.64
C ASP C 296 17.23 1.04 -4.84
N PHE C 297 15.95 1.14 -5.18
CA PHE C 297 14.86 1.79 -4.47
C PHE C 297 14.88 3.29 -4.73
N ASN C 298 15.84 3.79 -5.48
CA ASN C 298 16.04 5.21 -5.67
C ASN C 298 15.43 5.66 -6.99
N CYS C 299 15.66 6.92 -7.34
CA CYS C 299 15.24 7.45 -8.64
C CYS C 299 16.20 8.58 -8.99
N ASN C 300 17.18 8.30 -9.83
CA ASN C 300 18.17 9.30 -10.17
C ASN C 300 17.63 10.25 -11.23
N VAL C 301 18.06 11.50 -11.14
CA VAL C 301 17.61 12.55 -12.05
C VAL C 301 18.83 12.98 -12.85
N TRP C 302 18.91 12.55 -14.10
CA TRP C 302 20.06 12.82 -14.92
C TRP C 302 19.88 14.13 -15.68
N ASP C 303 21.01 14.69 -16.10
CA ASP C 303 21.03 15.83 -17.01
C ASP C 303 21.09 15.28 -18.42
N ALA C 304 20.04 15.52 -19.21
CA ALA C 304 19.94 14.91 -20.53
C ALA C 304 20.98 15.44 -21.51
N LEU C 305 21.67 16.54 -21.19
CA LEU C 305 22.66 17.10 -22.08
C LEU C 305 24.08 17.01 -21.54
N LYS C 306 24.26 16.66 -20.27
CA LYS C 306 25.59 16.60 -19.70
C LYS C 306 25.90 15.22 -19.14
N ALA C 307 24.85 14.50 -18.72
CA ALA C 307 24.96 13.15 -18.19
C ALA C 307 25.87 13.08 -16.97
N ASP C 308 25.70 14.03 -16.05
CA ASP C 308 26.64 14.18 -14.95
C ASP C 308 25.92 14.35 -13.62
N ARG C 309 24.88 13.55 -13.36
CA ARG C 309 24.17 13.69 -12.11
C ARG C 309 23.78 12.33 -11.57
N ALA C 310 23.63 12.28 -10.26
CA ALA C 310 22.78 11.30 -9.58
C ALA C 310 22.09 12.10 -8.47
N GLY C 311 20.96 12.73 -8.82
CA GLY C 311 20.20 13.51 -7.86
C GLY C 311 19.05 12.68 -7.34
N VAL C 312 19.24 12.09 -6.18
CA VAL C 312 18.43 10.96 -5.76
C VAL C 312 17.09 11.46 -5.24
N LEU C 313 16.02 10.82 -5.69
CA LEU C 313 14.71 10.96 -5.06
C LEU C 313 14.44 9.74 -4.16
N ALA C 314 15.25 9.60 -3.12
CA ALA C 314 15.17 8.43 -2.25
C ALA C 314 14.02 8.62 -1.27
N GLY C 315 12.90 7.98 -1.55
CA GLY C 315 11.81 7.99 -0.60
C GLY C 315 11.12 6.65 -0.45
N HIS C 316 11.49 5.67 -1.27
CA HIS C 316 10.80 4.41 -1.32
C HIS C 316 11.58 3.34 -0.57
N ASP C 317 10.87 2.27 -0.21
CA ASP C 317 11.45 1.15 0.51
C ASP C 317 11.50 -0.12 -0.33
N ASN C 318 11.23 -0.01 -1.63
CA ASN C 318 11.35 -1.15 -2.53
C ASN C 318 11.54 -0.60 -3.94
N ARG C 319 11.59 -1.51 -4.92
CA ARG C 319 11.94 -1.14 -6.29
C ARG C 319 10.95 -0.13 -6.86
N VAL C 320 11.46 1.00 -7.33
CA VAL C 320 10.65 1.99 -8.02
C VAL C 320 10.28 1.41 -9.38
N SER C 321 9.04 0.96 -9.53
CA SER C 321 8.64 0.19 -10.70
C SER C 321 8.00 1.02 -11.79
N CYS C 322 7.75 2.29 -11.55
CA CYS C 322 7.06 3.13 -12.51
C CYS C 322 7.19 4.58 -12.11
N LEU C 323 7.27 5.45 -13.10
CA LEU C 323 7.25 6.88 -12.84
C LEU C 323 6.83 7.61 -14.11
N GLY C 324 6.39 8.84 -13.94
CA GLY C 324 5.98 9.66 -15.07
C GLY C 324 5.76 11.10 -14.69
N VAL C 325 6.11 12.02 -15.56
CA VAL C 325 5.91 13.44 -15.30
C VAL C 325 4.57 13.85 -15.86
N THR C 326 4.00 14.91 -15.30
CA THR C 326 2.73 15.41 -15.80
C THR C 326 2.93 16.11 -17.13
N ASP C 327 1.81 16.36 -17.81
CA ASP C 327 1.91 17.02 -19.12
C ASP C 327 2.32 18.47 -19.00
N ASP C 328 2.07 19.11 -17.86
CA ASP C 328 2.54 20.46 -17.64
C ASP C 328 3.88 20.50 -16.90
N GLY C 329 4.50 19.35 -16.68
CA GLY C 329 5.81 19.29 -16.07
C GLY C 329 5.85 19.73 -14.63
N MET C 330 4.71 19.77 -13.96
CA MET C 330 4.65 20.31 -12.62
C MET C 330 5.05 19.32 -11.54
N ALA C 331 4.97 18.02 -11.81
CA ALA C 331 5.25 17.05 -10.77
C ALA C 331 5.76 15.76 -11.38
N VAL C 332 6.39 14.96 -10.54
CA VAL C 332 6.87 13.62 -10.89
C VAL C 332 6.29 12.66 -9.87
N ALA C 333 5.55 11.67 -10.35
CA ALA C 333 4.99 10.65 -9.48
C ALA C 333 5.72 9.35 -9.72
N THR C 334 6.22 8.74 -8.64
CA THR C 334 6.93 7.47 -8.71
C THR C 334 6.18 6.45 -7.88
N GLY C 335 5.91 5.29 -8.47
CA GLY C 335 5.28 4.19 -7.77
C GLY C 335 6.30 3.08 -7.55
N SER C 336 6.21 2.40 -6.43
CA SER C 336 7.18 1.39 -6.08
C SER C 336 6.49 0.15 -5.54
N TRP C 337 7.29 -0.89 -5.32
CA TRP C 337 6.76 -2.16 -4.84
C TRP C 337 6.39 -2.13 -3.36
N ASP C 338 6.59 -1.00 -2.70
CA ASP C 338 6.24 -0.86 -1.30
C ASP C 338 4.81 -0.37 -1.14
N SER C 339 4.06 -0.39 -2.25
CA SER C 339 2.65 0.01 -2.34
C SER C 339 2.33 1.49 -2.03
N PHE C 340 3.26 2.39 -2.33
CA PHE C 340 3.01 3.82 -2.12
C PHE C 340 3.42 4.60 -3.36
N LEU C 341 2.53 5.45 -3.83
CA LEU C 341 2.86 6.45 -4.84
C LEU C 341 3.27 7.73 -4.12
N LYS C 342 4.39 8.30 -4.52
CA LYS C 342 4.81 9.59 -4.01
C LYS C 342 4.87 10.57 -5.18
N ILE C 343 4.65 11.84 -4.88
CA ILE C 343 4.60 12.89 -5.89
C ILE C 343 5.63 13.95 -5.54
N TRP C 344 6.48 14.27 -6.50
CA TRP C 344 7.69 15.03 -6.27
C TRP C 344 7.68 16.29 -7.13
N ASN C 345 8.23 17.37 -6.60
CA ASN C 345 8.70 18.49 -7.43
C ASN C 345 9.65 19.39 -6.64
N ASN D 5 15.60 -25.31 -46.02
CA ASN D 5 14.18 -25.54 -46.28
C ASN D 5 13.53 -24.28 -46.84
N THR D 6 12.23 -24.12 -46.56
CA THR D 6 11.49 -22.96 -47.03
C THR D 6 11.39 -21.86 -45.97
N ALA D 7 11.12 -22.24 -44.72
CA ALA D 7 10.99 -21.26 -43.66
C ALA D 7 12.31 -20.57 -43.35
N SER D 8 13.43 -21.27 -43.51
CA SER D 8 14.74 -20.64 -43.32
C SER D 8 14.96 -19.53 -44.33
N ILE D 9 14.73 -19.82 -45.61
CA ILE D 9 14.87 -18.81 -46.66
C ILE D 9 13.86 -17.68 -46.46
N ALA D 10 12.66 -18.01 -45.99
CA ALA D 10 11.65 -16.99 -45.75
C ALA D 10 12.10 -16.01 -44.66
N GLN D 11 12.56 -16.53 -43.52
CA GLN D 11 13.02 -15.67 -42.44
C GLN D 11 14.27 -14.88 -42.86
N ALA D 12 15.18 -15.52 -43.58
CA ALA D 12 16.41 -14.84 -44.00
C ALA D 12 16.09 -13.69 -44.94
N ARG D 13 15.25 -13.93 -45.94
CA ARG D 13 14.93 -12.85 -46.87
C ARG D 13 14.02 -11.81 -46.24
N LYS D 14 13.23 -12.17 -45.23
CA LYS D 14 12.48 -11.17 -44.48
C LYS D 14 13.43 -10.22 -43.76
N LEU D 15 14.42 -10.78 -43.06
CA LEU D 15 15.45 -9.96 -42.44
C LEU D 15 16.18 -9.11 -43.47
N VAL D 16 16.44 -9.68 -44.65
CA VAL D 16 17.20 -8.96 -45.68
C VAL D 16 16.41 -7.76 -46.18
N GLU D 17 15.11 -7.94 -46.48
CA GLU D 17 14.31 -6.81 -46.95
C GLU D 17 14.11 -5.78 -45.84
N GLN D 18 13.97 -6.23 -44.59
CA GLN D 18 13.82 -5.28 -43.49
C GLN D 18 15.07 -4.42 -43.36
N LEU D 19 16.25 -5.04 -43.45
CA LEU D 19 17.48 -4.27 -43.36
C LEU D 19 17.72 -3.42 -44.60
N LYS D 20 17.22 -3.85 -45.76
CA LYS D 20 17.28 -2.99 -46.95
C LYS D 20 16.45 -1.74 -46.74
N MET D 21 15.29 -1.88 -46.09
CA MET D 21 14.48 -0.70 -45.77
C MET D 21 15.15 0.15 -44.70
N GLU D 22 15.84 -0.48 -43.74
CA GLU D 22 16.49 0.26 -42.67
C GLU D 22 17.78 0.93 -43.10
N ALA D 23 18.36 0.52 -44.22
CA ALA D 23 19.64 1.09 -44.64
C ALA D 23 19.49 2.31 -45.53
N ASN D 24 18.34 2.50 -46.17
CA ASN D 24 18.14 3.61 -47.10
C ASN D 24 17.43 4.78 -46.41
N ILE D 25 18.03 5.26 -45.34
CA ILE D 25 17.49 6.38 -44.57
C ILE D 25 18.51 7.50 -44.57
N ASP D 26 18.01 8.74 -44.68
CA ASP D 26 18.86 9.91 -44.66
C ASP D 26 19.35 10.15 -43.24
N ARG D 27 20.67 10.20 -43.06
CA ARG D 27 21.28 10.47 -41.77
C ARG D 27 21.74 11.92 -41.74
N ILE D 28 21.32 12.66 -40.74
CA ILE D 28 21.87 13.97 -40.49
C ILE D 28 23.08 13.80 -39.59
N LYS D 29 23.95 14.80 -39.57
CA LYS D 29 25.14 14.72 -38.73
C LYS D 29 24.75 14.77 -37.26
N VAL D 30 25.50 14.04 -36.43
CA VAL D 30 25.22 13.99 -35.00
C VAL D 30 25.37 15.38 -34.37
N SER D 31 26.27 16.20 -34.91
CA SER D 31 26.43 17.56 -34.41
C SER D 31 25.14 18.36 -34.60
N LYS D 32 24.52 18.24 -35.77
CA LYS D 32 23.26 18.96 -36.01
C LYS D 32 22.14 18.43 -35.13
N ALA D 33 22.09 17.12 -34.90
CA ALA D 33 21.05 16.54 -34.07
C ALA D 33 21.18 17.00 -32.62
N ALA D 34 22.41 16.97 -32.09
CA ALA D 34 22.61 17.45 -30.73
C ALA D 34 22.39 18.95 -30.64
N ALA D 35 22.68 19.70 -31.71
CA ALA D 35 22.38 21.12 -31.71
C ALA D 35 20.88 21.37 -31.64
N ASP D 36 20.09 20.56 -32.36
CA ASP D 36 18.64 20.69 -32.28
C ASP D 36 18.13 20.32 -30.89
N LEU D 37 18.70 19.27 -30.29
CA LEU D 37 18.28 18.88 -28.94
C LEU D 37 18.58 19.98 -27.93
N MET D 38 19.78 20.56 -27.98
CA MET D 38 20.12 21.60 -27.03
C MET D 38 19.35 22.89 -27.32
N ALA D 39 19.02 23.16 -28.58
CA ALA D 39 18.20 24.31 -28.89
C ALA D 39 16.80 24.16 -28.33
N TYR D 40 16.25 22.94 -28.39
CA TYR D 40 14.95 22.70 -27.78
C TYR D 40 15.03 22.81 -26.27
N CYS D 41 16.10 22.29 -25.66
CA CYS D 41 16.22 22.35 -24.21
C CYS D 41 16.41 23.78 -23.71
N GLU D 42 17.03 24.65 -24.51
CA GLU D 42 17.18 26.04 -24.12
C GLU D 42 15.96 26.89 -24.44
N ALA D 43 15.19 26.52 -25.46
CA ALA D 43 14.01 27.31 -25.82
C ALA D 43 12.87 27.10 -24.83
N HIS D 44 12.84 25.96 -24.14
CA HIS D 44 11.74 25.62 -23.24
C HIS D 44 12.19 25.53 -21.79
N ALA D 45 13.36 26.05 -21.46
CA ALA D 45 13.88 25.90 -20.10
C ALA D 45 13.06 26.70 -19.09
N LYS D 46 12.42 27.78 -19.53
CA LYS D 46 11.65 28.59 -18.59
C LYS D 46 10.33 27.94 -18.21
N GLU D 47 9.74 27.15 -19.10
CA GLU D 47 8.46 26.50 -18.86
C GLU D 47 8.63 25.11 -18.26
N ASP D 48 9.72 24.86 -17.55
CA ASP D 48 9.99 23.56 -16.94
C ASP D 48 9.94 23.71 -15.42
N PRO D 49 8.81 23.40 -14.79
CA PRO D 49 8.69 23.61 -13.34
C PRO D 49 9.58 22.72 -12.50
N LEU D 50 10.21 21.70 -13.07
CA LEU D 50 11.17 20.88 -12.34
C LEU D 50 12.59 21.40 -12.47
N LEU D 51 12.94 21.95 -13.64
CA LEU D 51 14.25 22.55 -13.84
C LEU D 51 14.39 23.83 -13.03
N THR D 52 13.53 24.79 -13.28
CA THR D 52 13.50 26.03 -12.51
C THR D 52 12.39 25.94 -11.48
N PRO D 53 12.72 25.88 -10.19
CA PRO D 53 11.67 25.72 -9.17
C PRO D 53 10.67 26.85 -9.20
N VAL D 54 9.39 26.47 -9.19
CA VAL D 54 8.28 27.39 -9.34
C VAL D 54 7.94 27.95 -7.96
N PRO D 55 7.55 29.22 -7.85
CA PRO D 55 7.17 29.74 -6.53
C PRO D 55 5.95 29.05 -5.97
N ALA D 56 5.89 28.96 -4.65
CA ALA D 56 4.81 28.25 -3.96
C ALA D 56 3.45 28.91 -4.14
N SER D 57 3.39 30.11 -4.72
CA SER D 57 2.10 30.74 -4.96
C SER D 57 1.32 30.02 -6.05
N GLU D 58 1.98 29.63 -7.13
CA GLU D 58 1.34 28.98 -8.26
C GLU D 58 1.71 27.50 -8.37
N ASN D 59 2.21 26.91 -7.28
CA ASN D 59 2.52 25.50 -7.25
C ASN D 59 1.33 24.74 -6.67
N PRO D 60 0.62 23.93 -7.46
CA PRO D 60 -0.61 23.30 -6.96
C PRO D 60 -0.38 22.24 -5.90
N PHE D 61 0.84 21.73 -5.77
CA PHE D 61 1.16 20.75 -4.74
C PHE D 61 1.76 21.39 -3.50
N ARG D 62 1.53 22.69 -3.31
CA ARG D 62 2.11 23.48 -2.22
C ARG D 62 3.62 23.42 -2.20
N VAL E 2 -31.87 4.46 -16.59
CA VAL E 2 -31.85 5.13 -15.30
C VAL E 2 -33.25 5.57 -14.94
N GLN E 3 -33.73 5.16 -13.77
CA GLN E 3 -35.10 5.43 -13.36
C GLN E 3 -35.14 5.81 -11.89
N LEU E 4 -35.85 6.89 -11.58
CA LEU E 4 -36.17 7.26 -10.21
C LEU E 4 -37.67 7.50 -10.14
N VAL E 5 -38.39 6.62 -9.45
CA VAL E 5 -39.84 6.71 -9.33
C VAL E 5 -40.18 6.81 -7.85
N GLU E 6 -40.82 7.91 -7.47
CA GLU E 6 -41.21 8.10 -6.08
C GLU E 6 -42.66 7.66 -5.88
N SER E 7 -42.99 7.36 -4.62
CA SER E 7 -44.34 6.96 -4.27
C SER E 7 -44.60 7.35 -2.83
N GLY E 8 -45.88 7.51 -2.48
CA GLY E 8 -46.25 7.85 -1.13
C GLY E 8 -47.05 9.13 -1.03
N GLY E 9 -47.44 9.69 -2.16
CA GLY E 9 -48.17 10.94 -2.18
C GLY E 9 -49.62 10.81 -1.77
N GLY E 10 -50.45 11.78 -2.16
CA GLY E 10 -51.86 11.77 -1.85
C GLY E 10 -52.28 13.03 -1.11
N LEU E 11 -53.08 12.84 -0.06
CA LEU E 11 -53.59 13.95 0.74
C LEU E 11 -53.51 13.58 2.22
N VAL E 12 -52.99 14.50 3.03
CA VAL E 12 -52.84 14.30 4.47
C VAL E 12 -53.46 15.51 5.16
N GLN E 13 -54.18 15.26 6.25
CA GLN E 13 -54.66 16.34 7.09
C GLN E 13 -53.48 16.99 7.81
N PRO E 14 -53.62 18.26 8.22
CA PRO E 14 -52.52 18.93 8.94
C PRO E 14 -52.14 18.18 10.20
N GLY E 15 -50.85 18.21 10.52
CA GLY E 15 -50.32 17.34 11.54
C GLY E 15 -50.25 15.90 11.05
N GLY E 16 -49.75 15.03 11.92
CA GLY E 16 -49.69 13.62 11.57
C GLY E 16 -48.39 13.22 10.91
N SER E 17 -48.45 12.31 9.95
CA SER E 17 -47.24 11.76 9.36
C SER E 17 -47.54 11.22 7.97
N ARG E 18 -46.48 10.86 7.27
CA ARG E 18 -46.48 10.31 5.92
C ARG E 18 -45.07 9.85 5.62
N LYS E 19 -44.95 8.89 4.69
CA LYS E 19 -43.65 8.38 4.29
C LYS E 19 -43.55 8.36 2.78
N LEU E 20 -42.65 9.18 2.23
CA LEU E 20 -42.36 9.17 0.81
C LEU E 20 -41.22 8.19 0.54
N SER E 21 -41.34 7.45 -0.56
CA SER E 21 -40.35 6.45 -0.92
C SER E 21 -40.07 6.54 -2.41
N CYS E 22 -38.80 6.52 -2.78
CA CYS E 22 -38.37 6.54 -4.18
C CYS E 22 -37.58 5.27 -4.47
N SER E 23 -38.07 4.50 -5.43
CA SER E 23 -37.40 3.27 -5.84
C SER E 23 -36.46 3.58 -7.00
N ALA E 24 -35.19 3.27 -6.84
CA ALA E 24 -34.17 3.55 -7.85
C ALA E 24 -33.85 2.29 -8.62
N SER E 25 -33.74 2.42 -9.94
CA SER E 25 -33.45 1.28 -10.79
C SER E 25 -32.69 1.76 -12.01
N GLY E 26 -31.59 1.07 -12.32
CA GLY E 26 -30.80 1.38 -13.49
C GLY E 26 -29.47 2.03 -13.22
N PHE E 27 -29.05 2.13 -11.97
CA PHE E 27 -27.74 2.69 -11.66
C PHE E 27 -27.28 2.14 -10.31
N ALA E 28 -26.01 2.37 -10.02
CA ALA E 28 -25.43 1.93 -8.76
C ALA E 28 -25.92 2.83 -7.64
N PHE E 29 -27.05 2.48 -7.04
CA PHE E 29 -27.72 3.37 -6.10
C PHE E 29 -26.86 3.63 -4.86
N SER E 30 -26.07 2.64 -4.44
CA SER E 30 -25.29 2.81 -3.23
C SER E 30 -24.13 3.77 -3.40
N SER E 31 -23.83 4.21 -4.63
CA SER E 31 -22.72 5.11 -4.88
C SER E 31 -23.15 6.57 -4.95
N PHE E 32 -24.43 6.85 -5.12
CA PHE E 32 -24.93 8.20 -5.31
C PHE E 32 -25.49 8.74 -4.00
N GLY E 33 -25.04 9.93 -3.62
CA GLY E 33 -25.79 10.70 -2.64
C GLY E 33 -27.14 11.08 -3.20
N MET E 34 -28.14 11.11 -2.34
CA MET E 34 -29.50 11.36 -2.78
C MET E 34 -30.05 12.60 -2.10
N HIS E 35 -30.78 13.41 -2.87
CA HIS E 35 -31.40 14.62 -2.36
C HIS E 35 -32.90 14.51 -2.50
N TRP E 36 -33.61 15.22 -1.62
CA TRP E 36 -35.03 15.47 -1.76
C TRP E 36 -35.18 16.96 -1.96
N VAL E 37 -35.78 17.36 -3.06
CA VAL E 37 -36.16 18.75 -3.24
C VAL E 37 -37.64 18.79 -3.56
N ARG E 38 -38.30 19.86 -3.13
CA ARG E 38 -39.72 19.98 -3.30
C ARG E 38 -40.04 21.27 -4.02
N GLN E 39 -41.23 21.33 -4.59
CA GLN E 39 -41.67 22.49 -5.34
C GLN E 39 -43.13 22.75 -5.01
N ALA E 40 -43.40 23.91 -4.41
CA ALA E 40 -44.76 24.34 -4.13
C ALA E 40 -45.56 24.43 -5.42
N PRO E 41 -46.90 24.38 -5.33
CA PRO E 41 -47.73 24.36 -6.56
C PRO E 41 -47.44 25.45 -7.57
N GLU E 42 -47.26 26.70 -7.14
CA GLU E 42 -46.99 27.78 -8.09
C GLU E 42 -45.70 28.52 -7.79
N LYS E 43 -44.80 27.91 -7.03
CA LYS E 43 -43.53 28.53 -6.66
C LYS E 43 -42.39 27.78 -7.31
N GLY E 44 -41.17 28.18 -6.94
CA GLY E 44 -39.98 27.57 -7.47
C GLY E 44 -39.57 26.35 -6.66
N LEU E 45 -38.33 25.91 -6.88
CA LEU E 45 -37.78 24.76 -6.20
C LEU E 45 -37.29 25.15 -4.81
N GLU E 46 -37.09 24.15 -3.98
CA GLU E 46 -36.63 24.37 -2.61
C GLU E 46 -36.02 23.07 -2.09
N TRP E 47 -34.81 23.14 -1.57
CA TRP E 47 -34.14 21.96 -1.08
C TRP E 47 -34.72 21.53 0.25
N VAL E 48 -34.74 20.21 0.48
CA VAL E 48 -35.37 19.66 1.67
C VAL E 48 -34.38 18.86 2.50
N ALA E 49 -33.80 17.82 1.92
CA ALA E 49 -32.91 16.95 2.68
C ALA E 49 -31.91 16.30 1.75
N TYR E 50 -30.86 15.74 2.36
CA TYR E 50 -29.81 15.06 1.60
C TYR E 50 -29.17 14.00 2.49
N ILE E 51 -29.05 12.79 1.98
CA ILE E 51 -28.33 11.72 2.65
C ILE E 51 -27.18 11.30 1.76
N SER E 52 -26.03 11.06 2.37
CA SER E 52 -24.83 10.76 1.60
C SER E 52 -24.87 9.33 1.09
N SER E 53 -23.79 8.93 0.42
CA SER E 53 -23.61 7.53 0.08
C SER E 53 -23.04 6.83 1.31
N GLY E 54 -23.65 5.72 1.69
CA GLY E 54 -23.29 5.07 2.92
C GLY E 54 -23.97 5.65 4.14
N SER E 55 -24.86 6.63 3.97
CA SER E 55 -25.68 7.23 5.02
C SER E 55 -24.85 7.90 6.10
N GLY E 56 -23.58 8.19 5.83
CA GLY E 56 -22.74 8.78 6.85
C GLY E 56 -22.84 10.27 7.01
N THR E 57 -23.73 10.93 6.28
CA THR E 57 -23.86 12.38 6.35
C THR E 57 -25.27 12.75 5.93
N ILE E 58 -25.97 13.50 6.78
CA ILE E 58 -27.35 13.87 6.54
C ILE E 58 -27.51 15.36 6.85
N TYR E 59 -28.18 16.08 5.96
CA TYR E 59 -28.47 17.49 6.16
C TYR E 59 -29.96 17.73 5.92
N TYR E 60 -30.48 18.79 6.53
CA TYR E 60 -31.86 19.18 6.32
C TYR E 60 -31.94 20.69 6.15
N ALA E 61 -33.04 21.13 5.55
CA ALA E 61 -33.35 22.56 5.50
C ALA E 61 -33.83 23.02 6.87
N ASP E 62 -33.58 24.29 7.17
CA ASP E 62 -33.94 24.82 8.48
C ASP E 62 -35.44 24.84 8.71
N THR E 63 -36.23 24.99 7.65
CA THR E 63 -37.68 24.94 7.75
C THR E 63 -38.21 23.51 7.81
N VAL E 64 -37.32 22.52 7.88
CA VAL E 64 -37.72 21.12 7.86
C VAL E 64 -37.09 20.30 8.97
N LYS E 65 -36.00 20.76 9.59
CA LYS E 65 -35.23 19.93 10.51
C LYS E 65 -36.03 19.59 11.76
N GLY E 66 -35.98 18.31 12.14
CA GLY E 66 -36.72 17.79 13.27
C GLY E 66 -38.00 17.11 12.89
N ARG E 67 -38.72 17.65 11.91
CA ARG E 67 -40.01 17.07 11.53
C ARG E 67 -39.85 15.93 10.55
N PHE E 68 -38.83 15.97 9.69
CA PHE E 68 -38.64 15.00 8.64
C PHE E 68 -37.47 14.09 8.98
N THR E 69 -37.43 12.93 8.32
CA THR E 69 -36.33 12.00 8.48
C THR E 69 -36.06 11.34 7.13
N ILE E 70 -34.86 11.50 6.61
CA ILE E 70 -34.45 10.90 5.35
C ILE E 70 -33.63 9.65 5.66
N SER E 71 -33.83 8.61 4.85
CA SER E 71 -33.14 7.35 5.06
C SER E 71 -33.15 6.59 3.74
N ARG E 72 -32.18 5.71 3.59
CA ARG E 72 -32.03 4.94 2.36
C ARG E 72 -31.82 3.47 2.69
N ASP E 73 -32.32 2.62 1.81
CA ASP E 73 -32.16 1.17 1.94
C ASP E 73 -31.38 0.70 0.72
N ASP E 74 -30.07 0.52 0.89
CA ASP E 74 -29.22 0.19 -0.25
C ASP E 74 -29.52 -1.16 -0.88
N PRO E 75 -29.68 -2.27 -0.13
CA PRO E 75 -30.01 -3.54 -0.80
C PRO E 75 -31.37 -3.54 -1.46
N LYS E 76 -32.28 -2.66 -1.07
CA LYS E 76 -33.59 -2.57 -1.69
C LYS E 76 -33.68 -1.50 -2.76
N ASN E 77 -32.64 -0.67 -2.88
CA ASN E 77 -32.59 0.44 -3.84
C ASN E 77 -33.77 1.38 -3.66
N THR E 78 -33.98 1.83 -2.43
CA THR E 78 -35.05 2.76 -2.12
C THR E 78 -34.53 3.88 -1.24
N LEU E 79 -35.13 5.06 -1.41
CA LEU E 79 -34.84 6.23 -0.59
C LEU E 79 -36.13 6.67 0.08
N PHE E 80 -36.08 6.86 1.39
CA PHE E 80 -37.27 7.15 2.18
C PHE E 80 -37.20 8.57 2.75
N LEU E 81 -38.36 9.21 2.84
CA LEU E 81 -38.50 10.48 3.54
C LEU E 81 -39.65 10.33 4.54
N GLN E 82 -39.31 10.11 5.80
CA GLN E 82 -40.31 9.97 6.86
C GLN E 82 -40.62 11.37 7.39
N MET E 83 -41.76 11.90 6.98
CA MET E 83 -42.15 13.26 7.33
C MET E 83 -43.27 13.23 8.36
N THR E 84 -43.09 13.98 9.45
CA THR E 84 -44.07 14.06 10.51
C THR E 84 -44.46 15.52 10.74
N SER E 85 -45.65 15.71 11.32
CA SER E 85 -46.16 17.01 11.74
C SER E 85 -46.22 17.98 10.57
N LEU E 86 -46.97 17.58 9.54
CA LEU E 86 -47.07 18.38 8.32
C LEU E 86 -47.86 19.65 8.57
N ARG E 87 -47.60 20.65 7.72
CA ARG E 87 -48.29 21.93 7.76
C ARG E 87 -48.93 22.20 6.41
N SER E 88 -49.75 23.24 6.37
CA SER E 88 -50.39 23.63 5.11
C SER E 88 -49.38 24.16 4.12
N GLU E 89 -48.33 24.83 4.59
CA GLU E 89 -47.27 25.28 3.70
C GLU E 89 -46.43 24.13 3.17
N ASP E 90 -46.47 22.98 3.83
CA ASP E 90 -45.62 21.84 3.51
C ASP E 90 -46.10 21.09 2.28
N THR E 91 -47.18 21.52 1.63
CA THR E 91 -47.62 20.89 0.40
C THR E 91 -46.72 21.28 -0.76
N ALA E 92 -46.40 20.31 -1.60
CA ALA E 92 -45.48 20.49 -2.71
C ALA E 92 -45.49 19.24 -3.56
N MET E 93 -44.72 19.26 -4.64
CA MET E 93 -44.35 18.08 -5.39
C MET E 93 -42.92 17.74 -5.03
N TYR E 94 -42.68 16.52 -4.56
CA TYR E 94 -41.40 16.15 -3.99
C TYR E 94 -40.60 15.36 -5.02
N TYR E 95 -39.45 15.89 -5.42
CA TYR E 95 -38.57 15.26 -6.37
C TYR E 95 -37.44 14.55 -5.65
N CYS E 96 -37.03 13.41 -6.20
CA CYS E 96 -35.85 12.70 -5.74
C CYS E 96 -34.73 12.95 -6.74
N VAL E 97 -33.57 13.37 -6.24
CA VAL E 97 -32.49 13.83 -7.09
C VAL E 97 -31.23 13.01 -6.84
N ARG E 98 -30.70 12.41 -7.89
CA ARG E 98 -29.43 11.71 -7.87
C ARG E 98 -28.29 12.71 -7.84
N SER E 99 -27.21 12.38 -7.14
CA SER E 99 -26.04 13.26 -7.12
C SER E 99 -24.82 12.49 -6.63
N ILE E 100 -23.77 12.46 -7.44
CA ILE E 100 -22.52 11.80 -7.08
C ILE E 100 -21.41 12.84 -7.04
N TYR E 101 -20.52 12.73 -6.06
CA TYR E 101 -19.50 13.75 -5.81
C TYR E 101 -18.12 13.12 -5.89
N TYR E 102 -17.40 13.42 -6.96
CA TYR E 102 -15.96 13.21 -7.04
C TYR E 102 -15.41 14.31 -7.93
N TYR E 103 -14.11 14.22 -8.23
CA TYR E 103 -13.49 15.24 -9.05
C TYR E 103 -13.99 15.13 -10.48
N GLY E 104 -14.67 16.18 -10.95
CA GLY E 104 -15.19 16.18 -12.29
C GLY E 104 -16.55 15.56 -12.45
N SER E 105 -17.21 15.19 -11.35
CA SER E 105 -18.53 14.62 -11.43
C SER E 105 -19.55 15.71 -11.74
N SER E 106 -20.77 15.29 -12.04
CA SER E 106 -21.87 16.19 -12.35
C SER E 106 -23.03 15.85 -11.44
N PRO E 107 -23.05 16.38 -10.23
CA PRO E 107 -24.16 16.10 -9.31
C PRO E 107 -25.44 16.75 -9.79
N PHE E 108 -26.54 16.31 -9.19
CA PHE E 108 -27.90 16.76 -9.53
C PHE E 108 -28.23 16.49 -10.99
N ASP E 109 -27.64 15.43 -11.56
CA ASP E 109 -27.79 15.20 -12.99
C ASP E 109 -29.12 14.55 -13.33
N PHE E 110 -29.61 13.62 -12.53
CA PHE E 110 -30.86 12.96 -12.82
C PHE E 110 -31.87 13.23 -11.71
N TRP E 111 -33.11 13.49 -12.12
CA TRP E 111 -34.19 13.85 -11.23
C TRP E 111 -35.34 12.87 -11.40
N GLY E 112 -36.05 12.61 -10.31
CA GLY E 112 -37.21 11.74 -10.38
C GLY E 112 -38.37 12.42 -11.09
N GLN E 113 -39.55 11.82 -10.93
CA GLN E 113 -40.73 12.36 -11.58
C GLN E 113 -41.64 13.13 -10.63
N GLY E 114 -41.57 12.87 -9.34
CA GLY E 114 -42.30 13.68 -8.39
C GLY E 114 -43.63 13.06 -7.99
N THR E 115 -44.02 13.32 -6.74
CA THR E 115 -45.31 12.91 -6.21
C THR E 115 -45.97 14.11 -5.55
N THR E 116 -47.15 14.47 -6.02
CA THR E 116 -47.88 15.58 -5.41
C THR E 116 -48.33 15.20 -4.01
N LEU E 117 -48.08 16.09 -3.06
CA LEU E 117 -48.48 15.90 -1.67
C LEU E 117 -49.29 17.11 -1.23
N THR E 118 -50.58 16.92 -1.00
CA THR E 118 -51.45 18.00 -0.58
C THR E 118 -51.72 17.91 0.92
N VAL E 119 -51.88 19.08 1.55
CA VAL E 119 -52.24 19.18 2.95
C VAL E 119 -53.42 20.12 3.06
N SER E 120 -54.54 19.62 3.57
CA SER E 120 -55.76 20.40 3.69
C SER E 120 -55.62 21.52 4.71
N SER E 136 -28.35 34.49 6.75
CA SER E 136 -27.66 33.28 7.19
C SER E 136 -27.42 32.33 6.02
N ASP E 137 -28.42 32.16 5.17
CA ASP E 137 -28.28 31.35 3.97
C ASP E 137 -27.71 32.18 2.84
N ILE E 138 -27.52 31.56 1.68
CA ILE E 138 -27.08 32.25 0.48
C ILE E 138 -28.31 32.55 -0.35
N VAL E 139 -28.53 33.82 -0.64
CA VAL E 139 -29.71 34.26 -1.37
C VAL E 139 -29.38 34.32 -2.85
N MET E 140 -30.07 33.51 -3.64
CA MET E 140 -29.94 33.53 -5.09
C MET E 140 -31.08 34.34 -5.67
N THR E 141 -30.77 35.26 -6.57
CA THR E 141 -31.74 36.18 -7.13
C THR E 141 -31.81 36.02 -8.63
N GLN E 142 -33.02 35.82 -9.15
CA GLN E 142 -33.27 35.86 -10.58
C GLN E 142 -33.70 37.26 -10.97
N ALA E 143 -33.36 37.66 -12.18
CA ALA E 143 -33.66 39.01 -12.64
C ALA E 143 -35.17 39.26 -12.71
N THR E 144 -35.85 38.51 -13.56
CA THR E 144 -37.29 38.67 -13.73
C THR E 144 -37.90 37.30 -14.00
N SER E 145 -39.07 37.06 -13.43
CA SER E 145 -39.70 35.75 -13.59
C SER E 145 -40.27 35.52 -14.98
N SER E 146 -40.09 36.39 -15.96
CA SER E 146 -40.61 36.13 -17.30
C SER E 146 -39.75 36.87 -18.31
N VAL E 147 -39.44 36.20 -19.42
CA VAL E 147 -38.67 36.79 -20.49
C VAL E 147 -39.42 36.58 -21.80
N PRO E 148 -39.75 37.65 -22.53
CA PRO E 148 -40.45 37.48 -23.80
C PRO E 148 -39.55 36.94 -24.88
N VAL E 149 -40.11 36.12 -25.75
CA VAL E 149 -39.37 35.50 -26.85
C VAL E 149 -40.10 35.75 -28.15
N THR E 150 -39.39 36.31 -29.12
CA THR E 150 -39.83 36.44 -30.49
C THR E 150 -38.92 35.58 -31.36
N PRO E 151 -39.45 34.95 -32.41
CA PRO E 151 -38.65 34.02 -33.21
C PRO E 151 -37.45 34.70 -33.85
N GLY E 152 -36.27 34.10 -33.65
CA GLY E 152 -35.04 34.62 -34.23
C GLY E 152 -34.20 35.46 -33.29
N GLU E 153 -33.94 34.95 -32.09
CA GLU E 153 -33.05 35.63 -31.14
C GLU E 153 -32.21 34.58 -30.41
N SER E 154 -31.45 35.06 -29.43
CA SER E 154 -30.60 34.20 -28.60
C SER E 154 -30.69 34.74 -27.17
N VAL E 155 -31.55 34.13 -26.36
CA VAL E 155 -31.83 34.65 -25.02
C VAL E 155 -30.64 34.44 -24.11
N SER E 156 -30.48 35.33 -23.13
CA SER E 156 -29.40 35.25 -22.16
C SER E 156 -29.91 35.77 -20.83
N ILE E 157 -30.03 34.89 -19.85
CA ILE E 157 -30.60 35.24 -18.56
C ILE E 157 -29.48 35.30 -17.53
N SER E 158 -29.79 35.93 -16.40
CA SER E 158 -28.81 36.18 -15.36
C SER E 158 -29.35 35.71 -14.02
N CYS E 159 -28.42 35.45 -13.09
CA CYS E 159 -28.76 35.01 -11.74
C CYS E 159 -27.67 35.53 -10.80
N ARG E 160 -27.99 36.54 -10.02
CA ARG E 160 -27.04 37.23 -9.17
C ARG E 160 -27.09 36.65 -7.76
N SER E 161 -25.95 36.17 -7.28
CA SER E 161 -25.87 35.58 -5.96
C SER E 161 -25.54 36.63 -4.91
N SER E 162 -25.74 36.27 -3.64
CA SER E 162 -25.48 37.18 -2.53
C SER E 162 -24.21 36.82 -1.78
N LYS E 163 -23.36 35.98 -2.34
CA LYS E 163 -22.10 35.61 -1.73
C LYS E 163 -21.21 35.06 -2.84
N SER E 164 -19.91 35.29 -2.72
CA SER E 164 -18.97 34.84 -3.73
C SER E 164 -18.95 33.31 -3.79
N LEU E 165 -19.46 32.76 -4.89
CA LEU E 165 -19.50 31.31 -5.07
C LEU E 165 -18.18 30.76 -5.58
N LEU E 166 -17.17 31.59 -5.75
CA LEU E 166 -15.85 31.15 -6.22
C LEU E 166 -15.05 30.69 -5.02
N HIS E 167 -15.03 29.38 -4.79
CA HIS E 167 -14.23 28.81 -3.72
C HIS E 167 -12.75 28.96 -4.05
N SER E 168 -11.91 28.73 -3.05
CA SER E 168 -10.47 28.83 -3.27
C SER E 168 -9.91 27.65 -4.09
N ASN E 169 -10.73 26.73 -4.56
CA ASN E 169 -10.29 25.69 -5.48
C ASN E 169 -10.34 26.14 -6.93
N GLY E 170 -10.94 27.28 -7.20
CA GLY E 170 -11.21 27.70 -8.56
C GLY E 170 -12.58 27.31 -9.06
N ASN E 171 -13.22 26.32 -8.44
CA ASN E 171 -14.58 25.96 -8.79
C ASN E 171 -15.55 27.03 -8.34
N THR E 172 -16.62 27.19 -9.08
CA THR E 172 -17.68 28.14 -8.76
C THR E 172 -18.99 27.37 -8.72
N TYR E 173 -19.41 26.95 -7.53
CA TYR E 173 -20.47 25.97 -7.40
C TYR E 173 -21.84 26.56 -7.68
N LEU E 174 -22.12 26.90 -8.93
CA LEU E 174 -23.45 27.34 -9.34
C LEU E 174 -23.94 26.47 -10.48
N TYR E 175 -25.16 25.96 -10.34
CA TYR E 175 -25.73 25.05 -11.31
C TYR E 175 -26.91 25.71 -12.00
N TRP E 176 -27.30 25.17 -13.15
CA TRP E 176 -28.42 25.68 -13.92
C TRP E 176 -29.34 24.52 -14.27
N PHE E 177 -30.62 24.66 -13.95
CA PHE E 177 -31.58 23.61 -14.22
C PHE E 177 -32.65 24.11 -15.18
N LEU E 178 -33.25 23.17 -15.90
CA LEU E 178 -34.32 23.44 -16.84
C LEU E 178 -35.51 22.57 -16.46
N GLN E 179 -36.68 23.19 -16.31
CA GLN E 179 -37.91 22.46 -16.04
C GLN E 179 -38.91 22.76 -17.15
N ARG E 180 -39.11 21.80 -18.04
CA ARG E 180 -40.10 21.92 -19.08
C ARG E 180 -41.50 21.83 -18.49
N PRO E 181 -42.50 22.42 -19.16
CA PRO E 181 -43.86 22.44 -18.58
C PRO E 181 -44.42 21.04 -18.40
N GLY E 182 -44.75 20.71 -17.16
CA GLY E 182 -45.22 19.38 -16.83
C GLY E 182 -44.14 18.33 -16.86
N GLN E 183 -42.90 18.72 -16.60
CA GLN E 183 -41.77 17.80 -16.65
C GLN E 183 -40.95 17.94 -15.37
N SER E 184 -39.93 17.18 -15.28
CA SER E 184 -38.99 17.19 -14.19
C SER E 184 -37.79 18.07 -14.51
N PRO E 185 -37.24 18.75 -13.51
CA PRO E 185 -36.07 19.59 -13.77
C PRO E 185 -34.87 18.78 -14.25
N GLN E 186 -34.15 19.34 -15.20
CA GLN E 186 -33.04 18.67 -15.86
C GLN E 186 -31.80 19.52 -15.72
N LEU E 187 -30.68 18.90 -15.36
CA LEU E 187 -29.43 19.64 -15.20
C LEU E 187 -28.94 20.13 -16.55
N LEU E 188 -28.58 21.41 -16.62
CA LEU E 188 -28.00 21.99 -17.81
C LEU E 188 -26.50 22.22 -17.68
N ILE E 189 -26.08 22.91 -16.64
CA ILE E 189 -24.69 23.36 -16.49
C ILE E 189 -24.29 23.20 -15.03
N TYR E 190 -23.19 22.52 -14.78
CA TYR E 190 -22.69 22.34 -13.42
C TYR E 190 -21.37 23.08 -13.26
N ARG E 191 -21.25 23.81 -12.14
CA ARG E 191 -20.10 24.65 -11.83
C ARG E 191 -19.88 25.72 -12.90
N MET E 192 -20.99 26.29 -13.37
CA MET E 192 -21.18 27.55 -14.09
C MET E 192 -20.64 27.53 -15.52
N SER E 193 -19.89 26.50 -15.91
CA SER E 193 -19.39 26.45 -17.27
C SER E 193 -19.45 25.08 -17.92
N ASN E 194 -19.64 24.01 -17.16
CA ASN E 194 -19.55 22.65 -17.67
C ASN E 194 -20.96 22.17 -17.98
N LEU E 195 -21.28 22.02 -19.27
CA LEU E 195 -22.61 21.58 -19.64
C LEU E 195 -22.73 20.07 -19.47
N ALA E 196 -23.87 19.63 -18.96
CA ALA E 196 -24.07 18.23 -18.60
C ALA E 196 -24.09 17.34 -19.83
N SER E 197 -24.00 16.04 -19.60
CA SER E 197 -24.02 15.08 -20.69
C SER E 197 -25.42 14.96 -21.25
N GLY E 198 -25.58 15.24 -22.54
CA GLY E 198 -26.87 15.13 -23.19
C GLY E 198 -27.55 16.44 -23.50
N VAL E 199 -26.94 17.58 -23.16
CA VAL E 199 -27.51 18.86 -23.53
C VAL E 199 -26.72 19.41 -24.71
N PRO E 200 -27.35 20.15 -25.62
CA PRO E 200 -26.62 20.68 -26.78
C PRO E 200 -25.61 21.74 -26.36
N ASP E 201 -24.76 22.09 -27.31
CA ASP E 201 -23.76 23.14 -27.10
C ASP E 201 -24.33 24.54 -27.20
N ARG E 202 -25.65 24.67 -27.35
CA ARG E 202 -26.29 25.98 -27.31
C ARG E 202 -26.14 26.61 -25.94
N PHE E 203 -26.37 25.82 -24.89
CA PHE E 203 -26.36 26.34 -23.52
C PHE E 203 -24.92 26.60 -23.09
N SER E 204 -24.64 27.83 -22.71
CA SER E 204 -23.32 28.23 -22.26
C SER E 204 -23.46 29.06 -21.00
N GLY E 205 -22.53 28.87 -20.08
CA GLY E 205 -22.53 29.60 -18.82
C GLY E 205 -21.28 30.43 -18.68
N SER E 206 -21.41 31.56 -18.00
CA SER E 206 -20.29 32.49 -17.84
C SER E 206 -20.55 33.33 -16.61
N GLY E 207 -19.62 34.24 -16.34
CA GLY E 207 -19.75 35.17 -15.25
C GLY E 207 -18.60 35.07 -14.28
N SER E 208 -18.77 35.72 -13.13
CA SER E 208 -17.77 35.73 -12.08
C SER E 208 -18.42 35.39 -10.75
N GLY E 209 -17.72 35.60 -9.65
CA GLY E 209 -18.37 35.50 -8.35
C GLY E 209 -19.49 36.51 -8.22
N THR E 210 -20.63 36.06 -7.71
CA THR E 210 -21.85 36.85 -7.48
C THR E 210 -22.45 37.43 -8.76
N ALA E 211 -22.11 36.88 -9.92
CA ALA E 211 -22.69 37.38 -11.18
C ALA E 211 -22.59 36.27 -12.21
N PHE E 212 -23.72 35.73 -12.64
CA PHE E 212 -23.75 34.56 -13.50
C PHE E 212 -24.73 34.76 -14.64
N THR E 213 -24.49 34.04 -15.73
CA THR E 213 -25.26 34.24 -16.95
C THR E 213 -25.35 32.91 -17.70
N LEU E 214 -26.56 32.55 -18.10
CA LEU E 214 -26.80 31.40 -18.97
C LEU E 214 -27.14 31.93 -20.36
N THR E 215 -26.33 31.55 -21.34
CA THR E 215 -26.49 32.05 -22.71
C THR E 215 -27.00 30.93 -23.60
N ILE E 216 -28.16 31.16 -24.22
CA ILE E 216 -28.73 30.25 -25.20
C ILE E 216 -28.56 30.87 -26.57
N SER E 217 -28.21 30.04 -27.55
CA SER E 217 -28.14 30.47 -28.95
C SER E 217 -29.11 29.63 -29.78
N ARG E 218 -29.31 30.10 -31.02
CA ARG E 218 -30.11 29.44 -32.06
C ARG E 218 -31.47 28.97 -31.53
N LEU E 219 -32.32 29.97 -31.28
CA LEU E 219 -33.71 29.82 -30.85
C LEU E 219 -34.41 28.64 -31.48
N GLU E 220 -35.04 27.83 -30.63
CA GLU E 220 -35.99 26.82 -31.07
C GLU E 220 -36.88 26.46 -29.89
N ALA E 221 -37.79 25.53 -30.13
CA ALA E 221 -38.67 25.03 -29.08
C ALA E 221 -37.86 24.10 -28.17
N GLU E 222 -38.57 23.41 -27.26
CA GLU E 222 -38.02 22.39 -26.38
C GLU E 222 -37.14 23.02 -25.29
N ASP E 223 -36.85 24.31 -25.42
CA ASP E 223 -36.16 25.08 -24.40
C ASP E 223 -37.13 25.95 -23.60
N VAL E 224 -38.43 25.84 -23.88
CA VAL E 224 -39.42 26.60 -23.14
C VAL E 224 -39.60 26.01 -21.76
N GLY E 225 -39.50 26.85 -20.73
CA GLY E 225 -39.64 26.39 -19.37
C GLY E 225 -39.05 27.41 -18.42
N VAL E 226 -39.08 27.06 -17.14
CA VAL E 226 -38.54 27.89 -16.08
C VAL E 226 -37.12 27.45 -15.80
N TYR E 227 -36.20 28.39 -15.71
CA TYR E 227 -34.79 28.07 -15.52
C TYR E 227 -34.39 28.44 -14.10
N TYR E 228 -33.87 27.48 -13.36
CA TYR E 228 -33.51 27.66 -11.96
C TYR E 228 -31.99 27.67 -11.82
N CYS E 229 -31.48 28.61 -11.04
CA CYS E 229 -30.06 28.64 -10.71
C CYS E 229 -29.91 28.19 -9.27
N MET E 230 -29.14 27.14 -9.06
CA MET E 230 -28.88 26.60 -7.73
C MET E 230 -27.43 26.86 -7.36
N GLN E 231 -27.18 27.16 -6.10
CA GLN E 231 -25.82 27.17 -5.60
C GLN E 231 -25.53 25.87 -4.86
N HIS E 232 -24.26 25.55 -4.76
CA HIS E 232 -23.87 24.33 -4.06
C HIS E 232 -22.64 24.56 -3.19
N LEU E 233 -22.39 25.82 -2.80
CA LEU E 233 -21.19 26.11 -2.04
C LEU E 233 -21.30 25.61 -0.61
N GLU E 234 -22.48 25.66 -0.01
CA GLU E 234 -22.67 25.20 1.35
C GLU E 234 -24.13 24.90 1.57
N TYR E 235 -24.40 24.06 2.56
CA TYR E 235 -25.78 23.69 2.86
C TYR E 235 -26.41 24.70 3.80
N PRO E 236 -27.68 25.06 3.61
CA PRO E 236 -28.63 24.52 2.64
C PRO E 236 -28.43 25.04 1.22
N LEU E 237 -28.69 24.19 0.24
CA LEU E 237 -28.59 24.57 -1.16
C LEU E 237 -29.83 25.37 -1.53
N THR E 238 -29.65 26.66 -1.78
CA THR E 238 -30.77 27.53 -2.06
C THR E 238 -30.91 27.71 -3.56
N PHE E 239 -32.10 27.46 -4.08
CA PHE E 239 -32.37 27.66 -5.50
C PHE E 239 -32.63 29.14 -5.75
N GLY E 240 -33.00 29.47 -6.99
CA GLY E 240 -33.42 30.80 -7.34
C GLY E 240 -34.94 30.84 -7.51
N ALA E 241 -35.44 32.04 -7.74
CA ALA E 241 -36.88 32.22 -7.93
C ALA E 241 -37.38 31.61 -9.23
N GLY E 242 -36.50 31.25 -10.14
CA GLY E 242 -36.91 30.74 -11.43
C GLY E 242 -37.11 31.85 -12.44
N THR E 243 -36.89 31.51 -13.71
CA THR E 243 -37.04 32.46 -14.80
C THR E 243 -37.76 31.78 -15.95
N LYS E 244 -39.02 32.12 -16.13
CA LYS E 244 -39.80 31.60 -17.24
C LYS E 244 -39.43 32.32 -18.52
N LEU E 245 -39.44 31.58 -19.63
CA LEU E 245 -39.35 32.19 -20.95
C LEU E 245 -40.33 31.47 -21.87
N GLU E 246 -41.20 32.25 -22.52
CA GLU E 246 -42.28 31.70 -23.33
C GLU E 246 -42.43 32.55 -24.59
N LEU E 247 -43.28 32.09 -25.48
CA LEU E 247 -43.48 32.75 -26.76
C LEU E 247 -44.84 32.41 -27.35
N PRO F 40 0.69 9.04 15.68
CA PRO F 40 0.85 7.60 15.57
C PRO F 40 0.47 6.87 16.85
N VAL F 41 0.89 5.61 16.97
CA VAL F 41 0.61 4.83 18.17
C VAL F 41 1.67 5.03 19.24
N LEU F 42 2.94 5.14 18.84
CA LEU F 42 4.00 5.50 19.79
C LEU F 42 3.72 6.84 20.45
N CYS F 43 3.25 7.81 19.67
CA CYS F 43 2.94 9.12 20.24
C CYS F 43 1.74 9.05 21.17
N ALA F 44 0.78 8.16 20.88
CA ALA F 44 -0.36 7.98 21.77
C ALA F 44 0.08 7.36 23.10
N VAL F 45 0.95 6.35 23.03
CA VAL F 45 1.50 5.76 24.26
C VAL F 45 2.30 6.79 25.03
N MET F 46 3.05 7.64 24.32
CA MET F 46 3.83 8.68 24.98
C MET F 46 2.93 9.68 25.69
N ASN F 47 1.83 10.07 25.05
CA ASN F 47 0.88 10.97 25.68
C ASN F 47 0.23 10.32 26.89
N VAL F 48 -0.06 9.03 26.82
CA VAL F 48 -0.69 8.34 27.95
C VAL F 48 0.27 8.24 29.13
N VAL F 49 1.54 7.90 28.86
CA VAL F 49 2.48 7.79 29.97
C VAL F 49 2.80 9.16 30.55
N PHE F 50 2.74 10.21 29.72
CA PHE F 50 2.99 11.56 30.23
C PHE F 50 1.82 12.05 31.09
N ILE F 51 0.58 11.82 30.65
CA ILE F 51 -0.54 12.24 31.50
C ILE F 51 -0.59 11.38 32.76
N THR F 52 -0.13 10.13 32.68
CA THR F 52 -0.09 9.29 33.86
C THR F 52 0.93 9.79 34.88
N ILE F 53 2.15 10.11 34.42
CA ILE F 53 3.16 10.60 35.35
C ILE F 53 2.75 11.98 35.90
N LEU F 54 1.99 12.74 35.12
CA LEU F 54 1.46 14.01 35.63
C LEU F 54 0.45 13.77 36.75
N ILE F 55 -0.44 12.79 36.58
CA ILE F 55 -1.39 12.49 37.66
C ILE F 55 -0.67 11.97 38.90
N ILE F 56 0.39 11.18 38.70
CA ILE F 56 1.16 10.70 39.86
C ILE F 56 1.81 11.87 40.59
N ALA F 57 2.39 12.81 39.83
CA ALA F 57 2.96 13.99 40.46
C ALA F 57 1.89 14.83 41.16
N LEU F 58 0.68 14.86 40.60
CA LEU F 58 -0.39 15.64 41.21
C LEU F 58 -0.82 15.03 42.55
N ILE F 59 -0.97 13.71 42.60
CA ILE F 59 -1.29 13.06 43.87
C ILE F 59 -0.13 13.17 44.85
N ALA F 60 1.11 13.17 44.34
CA ALA F 60 2.27 13.31 45.21
C ALA F 60 2.32 14.69 45.85
N LEU F 61 1.94 15.73 45.11
CA LEU F 61 1.82 17.05 45.70
C LEU F 61 0.60 17.14 46.61
N SER F 62 -0.48 16.41 46.28
CA SER F 62 -1.66 16.42 47.13
C SER F 62 -1.38 15.80 48.49
N VAL F 63 -0.50 14.80 48.54
CA VAL F 63 -0.09 14.26 49.84
C VAL F 63 1.09 15.04 50.40
N GLY F 64 1.80 15.79 49.56
CA GLY F 64 2.94 16.58 50.02
C GLY F 64 2.64 18.06 50.13
N PRO G 40 -11.17 11.09 16.88
CA PRO G 40 -11.60 12.11 15.93
C PRO G 40 -10.80 13.39 16.13
N VAL G 41 -11.50 14.50 16.35
CA VAL G 41 -10.89 15.79 16.64
C VAL G 41 -11.42 16.41 17.92
N LEU G 42 -12.70 16.23 18.22
CA LEU G 42 -13.26 16.78 19.45
C LEU G 42 -12.70 16.09 20.68
N CYS G 43 -12.59 14.76 20.63
CA CYS G 43 -11.99 14.02 21.75
C CYS G 43 -10.52 14.37 21.91
N ALA G 44 -9.81 14.58 20.79
CA ALA G 44 -8.40 14.96 20.87
C ALA G 44 -8.24 16.36 21.46
N VAL G 45 -9.11 17.30 21.09
CA VAL G 45 -9.06 18.63 21.67
C VAL G 45 -9.41 18.61 23.15
N MET G 46 -10.38 17.77 23.53
CA MET G 46 -10.73 17.64 24.94
C MET G 46 -9.58 17.03 25.74
N ASN G 47 -8.88 16.06 25.16
CA ASN G 47 -7.72 15.47 25.83
C ASN G 47 -6.60 16.49 25.98
N VAL G 48 -6.37 17.31 24.95
CA VAL G 48 -5.36 18.36 25.04
C VAL G 48 -5.72 19.38 26.12
N VAL G 49 -7.01 19.74 26.20
CA VAL G 49 -7.46 20.68 27.23
C VAL G 49 -7.31 20.09 28.62
N PHE G 50 -7.61 18.80 28.77
CA PHE G 50 -7.46 18.15 30.07
C PHE G 50 -6.00 18.04 30.47
N ILE G 51 -5.10 17.78 29.50
CA ILE G 51 -3.68 17.75 29.79
C ILE G 51 -3.17 19.13 30.21
N THR G 52 -3.64 20.18 29.53
CA THR G 52 -3.26 21.54 29.91
C THR G 52 -3.79 21.90 31.30
N ILE G 53 -5.02 21.46 31.61
CA ILE G 53 -5.59 21.71 32.93
C ILE G 53 -4.80 20.99 34.02
N LEU G 54 -4.38 19.75 33.76
CA LEU G 54 -3.58 19.03 34.73
C LEU G 54 -2.22 19.68 34.91
N ILE G 55 -1.60 20.15 33.83
CA ILE G 55 -0.30 20.83 33.93
C ILE G 55 -0.42 22.13 34.71
N ILE G 56 -1.48 22.91 34.45
CA ILE G 56 -1.66 24.17 35.15
C ILE G 56 -2.00 23.93 36.62
N ALA G 57 -2.77 22.88 36.92
CA ALA G 57 -3.07 22.56 38.32
C ALA G 57 -1.83 22.10 39.05
N LEU G 58 -0.95 21.34 38.39
CA LEU G 58 0.31 20.97 39.00
C LEU G 58 1.20 22.18 39.24
N ILE G 59 1.23 23.12 38.29
CA ILE G 59 2.00 24.34 38.48
C ILE G 59 1.46 25.18 39.62
N ALA G 60 0.13 25.23 39.76
CA ALA G 60 -0.48 25.98 40.85
C ALA G 60 -0.21 25.33 42.21
N LEU G 61 -0.32 24.01 42.28
CA LEU G 61 -0.02 23.30 43.51
C LEU G 61 1.47 23.33 43.85
N SER G 62 2.33 23.56 42.86
CA SER G 62 3.74 23.77 43.13
C SER G 62 4.01 25.19 43.61
N VAL G 63 3.28 26.17 43.08
CA VAL G 63 3.44 27.55 43.53
C VAL G 63 2.81 27.76 44.90
N GLY G 64 1.51 27.51 45.00
CA GLY G 64 0.79 27.64 46.25
C GLY G 64 0.90 26.33 47.04
N GLN G 65 0.12 26.19 48.10
CA GLN G 65 0.15 25.00 48.93
C GLN G 65 -1.28 24.56 49.23
N TYR G 66 -1.38 23.46 49.97
CA TYR G 66 -2.69 22.92 50.35
C TYR G 66 -2.94 23.08 51.84
#